data_9VPT
#
_entry.id   9VPT
#
_cell.length_a   140.120
_cell.length_b   146.655
_cell.length_c   66.287
_cell.angle_alpha   90.00
_cell.angle_beta   90.00
_cell.angle_gamma   90.00
#
_symmetry.space_group_name_H-M   'P 21 21 2'
#
loop_
_entity.id
_entity.type
_entity.pdbx_description
1 polymer 'Dihydroorotate dehydrogenase (fumarate)'
2 non-polymer 'FLAVIN MONONUCLEOTIDE'
3 non-polymer '(4S)-2,6-DIOXOHEXAHYDROPYRIMIDINE-4-CARBOXYLIC ACID'
4 non-polymer 'MALONATE ION'
5 water water
#
_entity_poly.entity_id   1
_entity_poly.type   'polypeptide(L)'
_entity_poly.pdbx_seq_one_letter_code
;GPGSMSLKVNILGHEFSNPFMNAAGVLCTTEEDLRRMTESESGSLIGKSCTLAPRTGNPEPRYFGLPLGSINSMGLPNLG
VDFYLSYAAQTHDYSRKPLFLSMSGLSVEESVEMVKKLVPITKEKGTILELNLSAPNVPGKPQVGYDFDTTRTYLQKVSE
AYGLPFGVKMPPYFDIAHFDMAAAVLNDFPLVKFITCVNSIGNGLVIDPANETVVIKPKQGFGGLGGKYVLPTALANVNA
FFRRCPDKLVFGCGGVYSGEEAFLHILAGASMVQVGTALHDEGPIIFARLNKELQEIMTNKGYKTLDEFRGRVKTMD
;
_entity_poly.pdbx_strand_id   A,B,C,D
#
# COMPACT_ATOMS: atom_id res chain seq x y z
N MET A 5 10.36 -8.38 33.50
CA MET A 5 10.79 -7.70 32.25
C MET A 5 12.26 -7.28 32.34
N SER A 6 12.95 -7.33 31.20
CA SER A 6 14.39 -7.11 31.15
C SER A 6 14.82 -6.52 29.81
N LEU A 7 15.64 -5.45 29.86
CA LEU A 7 16.25 -4.88 28.67
C LEU A 7 17.66 -5.45 28.46
N LYS A 8 18.01 -6.51 29.21
CA LYS A 8 19.38 -6.98 29.28
C LYS A 8 19.81 -7.57 27.92
N VAL A 9 21.12 -7.43 27.65
CA VAL A 9 21.74 -7.95 26.43
C VAL A 9 23.02 -8.69 26.83
N ASN A 10 23.17 -9.90 26.31
CA ASN A 10 24.34 -10.74 26.55
C ASN A 10 25.07 -10.96 25.22
N ILE A 11 26.15 -10.19 25.00
CA ILE A 11 26.98 -10.29 23.80
C ILE A 11 28.43 -10.01 24.20
N LEU A 12 29.37 -10.57 23.43
CA LEU A 12 30.79 -10.28 23.57
C LEU A 12 31.28 -10.59 24.99
N GLY A 13 30.60 -11.50 25.69
CA GLY A 13 31.02 -11.97 27.00
C GLY A 13 30.61 -11.06 28.16
N HIS A 14 29.78 -10.03 27.89
CA HIS A 14 29.36 -9.11 28.92
C HIS A 14 27.84 -9.16 29.06
N GLU A 15 27.32 -8.85 30.25
CA GLU A 15 25.93 -8.48 30.42
C GLU A 15 25.82 -6.96 30.32
N PHE A 16 24.96 -6.48 29.41
CA PHE A 16 24.60 -5.07 29.32
C PHE A 16 23.23 -4.89 29.96
N SER A 17 23.10 -3.88 30.85
CA SER A 17 21.84 -3.60 31.53
C SER A 17 20.73 -3.33 30.53
N ASN A 18 21.09 -2.73 29.39
CA ASN A 18 20.14 -2.35 28.36
C ASN A 18 20.92 -2.19 27.04
N PRO A 19 20.26 -2.07 25.88
CA PRO A 19 20.96 -2.05 24.60
C PRO A 19 21.52 -0.68 24.19
N PHE A 20 21.29 0.37 25.00
CA PHE A 20 21.57 1.73 24.57
C PHE A 20 23.00 2.14 24.90
N MET A 21 23.60 2.91 23.98
CA MET A 21 24.89 3.56 24.19
C MET A 21 24.92 4.82 23.33
N ASN A 22 25.96 5.65 23.51
CA ASN A 22 26.15 6.81 22.64
C ASN A 22 26.67 6.33 21.29
N ALA A 23 26.37 7.10 20.23
CA ALA A 23 27.08 6.98 18.98
C ALA A 23 28.47 7.60 19.15
N ALA A 24 29.49 6.98 18.54
CA ALA A 24 30.84 7.50 18.61
C ALA A 24 30.84 8.96 18.14
N GLY A 25 31.56 9.83 18.88
CA GLY A 25 31.65 11.25 18.55
C GLY A 25 30.72 12.13 19.39
N VAL A 26 29.68 11.55 20.00
CA VAL A 26 28.73 12.32 20.81
C VAL A 26 28.95 11.98 22.27
N LEU A 27 29.19 13.02 23.08
CA LEU A 27 29.39 12.94 24.53
C LEU A 27 30.43 11.88 24.87
N CYS A 28 31.63 11.97 24.28
CA CYS A 28 32.64 10.95 24.51
C CYS A 28 34.06 11.39 24.13
N THR A 29 34.34 12.69 24.09
CA THR A 29 35.64 13.20 23.65
C THR A 29 36.56 13.44 24.85
N THR A 30 36.01 14.01 25.94
CA THR A 30 36.80 14.38 27.12
C THR A 30 36.52 13.39 28.25
N GLU A 31 37.34 13.45 29.31
CA GLU A 31 37.12 12.67 30.53
C GLU A 31 35.76 13.01 31.12
N GLU A 32 35.39 14.30 31.14
CA GLU A 32 34.11 14.75 31.67
C GLU A 32 32.96 14.13 30.88
N ASP A 33 33.09 14.09 29.54
CA ASP A 33 32.10 13.47 28.68
C ASP A 33 31.89 12.00 29.05
N LEU A 34 33.02 11.27 29.19
CA LEU A 34 32.99 9.83 29.44
C LEU A 34 32.46 9.54 30.85
N ARG A 35 32.68 10.46 31.80
CA ARG A 35 32.13 10.35 33.14
C ARG A 35 30.60 10.43 33.09
N ARG A 36 30.08 11.39 32.31
CA ARG A 36 28.64 11.62 32.24
C ARG A 36 27.94 10.43 31.58
N MET A 37 28.56 9.85 30.54
CA MET A 37 28.03 8.66 29.90
C MET A 37 28.02 7.48 30.88
N THR A 38 29.09 7.34 31.68
CA THR A 38 29.19 6.25 32.64
C THR A 38 28.12 6.39 33.73
N GLU A 39 27.82 7.63 34.14
CA GLU A 39 26.86 7.90 35.20
C GLU A 39 25.42 7.81 34.68
N SER A 40 25.25 7.90 33.35
CA SER A 40 23.94 7.80 32.73
C SER A 40 23.37 6.39 32.87
N GLU A 41 22.12 6.22 32.43
CA GLU A 41 21.43 4.93 32.48
C GLU A 41 21.81 4.07 31.27
N SER A 42 22.74 4.52 30.42
CA SER A 42 23.10 3.81 29.21
C SER A 42 23.66 2.42 29.55
N GLY A 43 23.36 1.44 28.70
CA GLY A 43 23.92 0.10 28.84
C GLY A 43 25.42 0.06 28.60
N SER A 44 25.92 0.99 27.77
CA SER A 44 27.36 1.07 27.49
C SER A 44 27.71 2.47 27.00
N LEU A 45 28.97 2.63 26.56
CA LEU A 45 29.48 3.88 26.02
C LEU A 45 30.66 3.58 25.09
N ILE A 46 30.95 4.51 24.18
CA ILE A 46 32.07 4.39 23.27
C ILE A 46 32.82 5.72 23.22
N GLY A 47 34.16 5.64 23.20
CA GLY A 47 35.01 6.82 23.11
C GLY A 47 34.97 7.43 21.72
N LYS A 48 35.32 8.73 21.63
CA LYS A 48 35.47 9.43 20.37
C LYS A 48 36.44 8.68 19.46
N SER A 49 36.12 8.58 18.16
CA SER A 49 37.06 8.07 17.17
C SER A 49 38.38 8.82 17.29
N CYS A 50 39.45 8.10 17.64
CA CYS A 50 40.71 8.74 17.97
C CYS A 50 41.76 8.46 16.89
N THR A 51 42.85 9.27 16.95
CA THR A 51 44.00 9.17 16.07
C THR A 51 45.25 9.06 16.93
N LEU A 52 46.39 8.73 16.32
CA LEU A 52 47.63 8.46 17.03
C LEU A 52 48.06 9.70 17.83
N ALA A 53 48.00 10.87 17.17
CA ALA A 53 48.27 12.14 17.83
C ALA A 53 46.96 12.89 18.06
N PRO A 54 46.89 13.84 19.02
CA PRO A 54 45.71 14.67 19.20
C PRO A 54 45.32 15.48 17.96
N ARG A 55 44.03 15.81 17.85
CA ARG A 55 43.51 16.70 16.83
C ARG A 55 42.54 17.68 17.50
N THR A 56 42.50 18.93 16.98
CA THR A 56 41.52 19.91 17.41
C THR A 56 40.35 19.98 16.43
N GLY A 57 40.53 19.41 15.23
CA GLY A 57 39.45 19.28 14.26
C GLY A 57 39.31 20.52 13.37
N ASN A 58 38.13 20.65 12.75
CA ASN A 58 37.86 21.66 11.74
C ASN A 58 37.50 23.00 12.39
N PRO A 59 37.62 24.13 11.65
CA PRO A 59 37.18 25.43 12.14
C PRO A 59 35.67 25.58 12.24
N GLU A 60 35.23 26.61 12.98
CA GLU A 60 33.82 26.85 13.26
C GLU A 60 33.14 27.74 12.22
N PRO A 61 31.81 27.62 12.01
CA PRO A 61 31.00 26.56 12.61
C PRO A 61 31.11 25.22 11.88
N ARG A 62 31.15 24.12 12.66
CA ARG A 62 31.36 22.78 12.11
C ARG A 62 30.25 21.82 12.50
N TYR A 63 29.23 22.31 13.22
CA TYR A 63 28.06 21.54 13.59
C TYR A 63 26.83 22.44 13.49
N PHE A 64 25.73 21.92 12.96
CA PHE A 64 24.49 22.68 12.86
C PHE A 64 23.29 21.77 13.11
N GLY A 65 22.55 22.07 14.18
CA GLY A 65 21.29 21.38 14.47
C GLY A 65 20.22 21.77 13.45
N LEU A 66 19.45 20.78 12.99
CA LEU A 66 18.41 20.98 11.99
C LEU A 66 17.08 20.48 12.55
N PRO A 67 15.93 20.96 12.02
CA PRO A 67 14.63 20.38 12.36
C PRO A 67 14.59 18.85 12.25
N LEU A 68 15.23 18.27 11.23
CA LEU A 68 15.15 16.84 10.96
C LEU A 68 16.44 16.12 11.37
N GLY A 69 17.37 16.80 12.05
CA GLY A 69 18.55 16.14 12.58
C GLY A 69 19.74 17.09 12.72
N SER A 70 20.85 16.74 12.06
CA SER A 70 22.11 17.44 12.20
C SER A 70 22.94 17.33 10.93
N ILE A 71 23.81 18.32 10.71
CA ILE A 71 24.91 18.24 9.77
C ILE A 71 26.18 18.62 10.52
N ASN A 72 27.27 17.87 10.30
CA ASN A 72 28.54 18.14 10.97
C ASN A 72 29.70 17.87 10.02
N SER A 73 30.79 18.62 10.24
CA SER A 73 32.11 18.29 9.74
C SER A 73 33.13 18.55 10.85
N MET A 74 33.07 17.75 11.92
CA MET A 74 33.86 18.01 13.13
C MET A 74 35.36 17.93 12.83
N GLY A 75 35.77 16.91 12.06
CA GLY A 75 37.15 16.74 11.65
C GLY A 75 37.97 15.89 12.64
N LEU A 76 37.30 14.99 13.36
CA LEU A 76 37.91 14.04 14.27
C LEU A 76 38.70 14.78 15.36
N PRO A 77 38.10 15.77 16.06
CA PRO A 77 38.74 16.32 17.25
C PRO A 77 38.83 15.27 18.35
N ASN A 78 40.04 15.00 18.85
CA ASN A 78 40.22 13.96 19.85
C ASN A 78 41.54 14.19 20.62
N LEU A 79 41.61 13.62 21.83
CA LEU A 79 42.73 13.87 22.75
C LEU A 79 43.90 12.92 22.48
N GLY A 80 43.81 12.12 21.40
CA GLY A 80 44.88 11.21 21.02
C GLY A 80 44.72 9.84 21.68
N VAL A 81 45.26 8.80 21.04
CA VAL A 81 45.00 7.42 21.41
C VAL A 81 45.44 7.18 22.86
N ASP A 82 46.56 7.77 23.27
CA ASP A 82 47.11 7.57 24.62
C ASP A 82 46.10 7.99 25.69
N PHE A 83 45.33 9.06 25.43
CA PHE A 83 44.35 9.52 26.39
C PHE A 83 43.25 8.46 26.59
N TYR A 84 42.70 7.94 25.49
CA TYR A 84 41.57 7.02 25.56
C TYR A 84 42.03 5.67 26.12
N LEU A 85 43.28 5.29 25.82
CA LEU A 85 43.87 4.07 26.36
C LEU A 85 43.99 4.18 27.88
N SER A 86 44.45 5.35 28.35
CA SER A 86 44.62 5.60 29.78
C SER A 86 43.27 5.64 30.48
N TYR A 87 42.25 6.20 29.82
CA TYR A 87 40.89 6.19 30.33
C TYR A 87 40.43 4.75 30.54
N ALA A 88 40.64 3.92 29.52
CA ALA A 88 40.20 2.52 29.50
C ALA A 88 40.93 1.72 30.58
N ALA A 89 42.22 2.01 30.78
CA ALA A 89 43.08 1.22 31.65
C ALA A 89 42.96 1.63 33.11
N GLN A 90 42.65 2.91 33.39
CA GLN A 90 42.80 3.45 34.74
C GLN A 90 41.51 4.10 35.26
N THR A 91 40.78 4.84 34.41
CA THR A 91 39.72 5.72 34.88
C THR A 91 38.35 5.01 34.85
N HIS A 92 38.04 4.31 33.75
CA HIS A 92 36.70 3.80 33.53
C HIS A 92 36.29 2.81 34.64
N ASP A 93 35.06 2.96 35.13
CA ASP A 93 34.47 2.04 36.09
C ASP A 93 33.71 0.94 35.34
N TYR A 94 34.36 -0.23 35.21
CA TYR A 94 33.82 -1.37 34.47
C TYR A 94 32.68 -2.04 35.23
N SER A 95 32.56 -1.75 36.54
CA SER A 95 31.46 -2.29 37.34
C SER A 95 30.15 -1.59 36.97
N ARG A 96 30.24 -0.39 36.39
CA ARG A 96 29.07 0.33 35.89
C ARG A 96 28.61 -0.26 34.57
N LYS A 97 29.52 -0.34 33.59
CA LYS A 97 29.17 -0.82 32.25
C LYS A 97 30.44 -1.08 31.44
N PRO A 98 30.41 -1.99 30.44
CA PRO A 98 31.53 -2.16 29.52
C PRO A 98 31.84 -0.92 28.69
N LEU A 99 33.09 -0.84 28.21
CA LEU A 99 33.59 0.29 27.44
C LEU A 99 34.02 -0.17 26.05
N PHE A 100 33.58 0.60 25.04
CA PHE A 100 34.10 0.49 23.68
C PHE A 100 35.01 1.68 23.41
N LEU A 101 36.06 1.48 22.59
CA LEU A 101 36.85 2.57 22.04
C LEU A 101 36.76 2.53 20.51
N SER A 102 36.47 3.69 19.91
CA SER A 102 36.52 3.84 18.46
C SER A 102 37.90 4.33 18.05
N MET A 103 38.47 3.69 17.02
CA MET A 103 39.76 4.08 16.48
C MET A 103 39.64 4.35 14.98
N SER A 104 40.19 5.49 14.56
CA SER A 104 40.05 5.99 13.21
C SER A 104 41.37 6.59 12.74
N GLY A 105 42.42 5.75 12.67
CA GLY A 105 43.67 6.13 12.04
C GLY A 105 43.43 6.57 10.59
N LEU A 106 44.20 7.56 10.12
CA LEU A 106 43.99 8.14 8.80
C LEU A 106 44.75 7.34 7.73
N SER A 107 45.47 6.30 8.16
CA SER A 107 46.12 5.33 7.28
C SER A 107 46.11 3.97 7.97
N VAL A 108 46.37 2.90 7.21
CA VAL A 108 46.39 1.56 7.79
C VAL A 108 47.58 1.44 8.75
N GLU A 109 48.68 2.14 8.46
CA GLU A 109 49.88 2.09 9.28
C GLU A 109 49.59 2.72 10.65
N GLU A 110 48.82 3.82 10.65
CA GLU A 110 48.42 4.51 11.87
C GLU A 110 47.49 3.61 12.69
N SER A 111 46.52 2.97 12.02
CA SER A 111 45.57 2.10 12.67
C SER A 111 46.28 0.94 13.37
N VAL A 112 47.25 0.33 12.68
CA VAL A 112 48.01 -0.81 13.18
C VAL A 112 48.72 -0.43 14.47
N GLU A 113 49.42 0.72 14.49
CA GLU A 113 50.15 1.18 15.67
C GLU A 113 49.19 1.36 16.84
N MET A 114 47.99 1.88 16.57
CA MET A 114 47.01 2.18 17.59
C MET A 114 46.44 0.91 18.21
N VAL A 115 46.02 -0.06 17.37
CA VAL A 115 45.34 -1.25 17.87
C VAL A 115 46.32 -2.13 18.64
N LYS A 116 47.60 -2.11 18.25
CA LYS A 116 48.65 -2.83 18.97
C LYS A 116 48.73 -2.36 20.42
N LYS A 117 48.56 -1.04 20.65
CA LYS A 117 48.60 -0.48 21.99
C LYS A 117 47.40 -0.95 22.81
N LEU A 118 46.26 -1.20 22.15
CA LEU A 118 45.03 -1.59 22.83
C LEU A 118 45.10 -3.02 23.37
N VAL A 119 45.89 -3.89 22.70
CA VAL A 119 45.90 -5.32 22.99
C VAL A 119 46.01 -5.58 24.49
N PRO A 120 47.08 -5.13 25.19
CA PRO A 120 47.22 -5.40 26.62
C PRO A 120 46.05 -4.91 27.48
N ILE A 121 45.40 -3.82 27.05
CA ILE A 121 44.32 -3.22 27.83
C ILE A 121 43.03 -4.03 27.65
N THR A 122 42.76 -4.53 26.43
CA THR A 122 41.65 -5.45 26.22
C THR A 122 41.83 -6.69 27.08
N LYS A 123 43.06 -7.23 27.12
CA LYS A 123 43.36 -8.45 27.85
C LYS A 123 43.15 -8.24 29.35
N GLU A 124 43.52 -7.06 29.86
CA GLU A 124 43.45 -6.75 31.28
C GLU A 124 42.01 -6.36 31.67
N LYS A 125 41.39 -5.47 30.89
CA LYS A 125 40.16 -4.78 31.31
C LYS A 125 38.93 -5.24 30.52
N GLY A 126 39.11 -5.79 29.32
CA GLY A 126 38.00 -6.21 28.48
C GLY A 126 37.49 -5.11 27.54
N THR A 127 38.23 -4.01 27.42
CA THR A 127 37.89 -2.91 26.51
C THR A 127 37.65 -3.46 25.10
N ILE A 128 36.58 -2.99 24.43
CA ILE A 128 36.20 -3.49 23.10
C ILE A 128 36.56 -2.45 22.03
N LEU A 129 37.05 -2.93 20.87
CA LEU A 129 37.44 -2.08 19.74
C LEU A 129 36.31 -1.98 18.71
N GLU A 130 35.98 -0.74 18.30
CA GLU A 130 35.19 -0.45 17.11
C GLU A 130 36.09 0.29 16.11
N LEU A 131 36.49 -0.40 15.03
CA LEU A 131 37.32 0.17 13.98
C LEU A 131 36.45 1.01 13.04
N ASN A 132 36.77 2.31 12.91
CA ASN A 132 35.98 3.24 12.13
C ASN A 132 36.44 3.20 10.67
N LEU A 133 35.58 2.69 9.78
CA LEU A 133 35.87 2.62 8.36
C LEU A 133 34.99 3.60 7.57
N SER A 134 34.58 4.72 8.19
CA SER A 134 33.55 5.58 7.61
C SER A 134 33.66 7.04 8.07
N ALA A 135 34.88 7.55 8.31
CA ALA A 135 35.07 8.92 8.76
C ALA A 135 34.96 9.91 7.60
N PRO A 136 33.82 10.62 7.40
CA PRO A 136 33.57 11.35 6.16
C PRO A 136 33.94 12.84 6.11
N ASN A 137 34.58 13.39 7.15
CA ASN A 137 34.76 14.84 7.25
C ASN A 137 36.24 15.24 7.38
N VAL A 138 37.15 14.36 6.94
CA VAL A 138 38.58 14.65 6.92
C VAL A 138 38.98 14.91 5.47
N PRO A 139 39.25 16.17 5.06
CA PRO A 139 39.62 16.48 3.68
C PRO A 139 40.77 15.61 3.15
N GLY A 140 40.57 15.01 1.96
CA GLY A 140 41.61 14.24 1.29
C GLY A 140 41.62 12.76 1.68
N LYS A 141 40.67 12.35 2.55
CA LYS A 141 40.59 10.99 3.05
C LYS A 141 39.23 10.40 2.68
N PRO A 142 39.12 9.66 1.55
CA PRO A 142 37.90 8.93 1.22
C PRO A 142 37.50 7.91 2.29
N GLN A 143 36.19 7.61 2.37
CA GLN A 143 35.69 6.67 3.35
C GLN A 143 36.15 5.27 2.95
N VAL A 144 36.87 4.61 3.87
CA VAL A 144 37.50 3.33 3.60
C VAL A 144 36.45 2.31 3.14
N GLY A 145 35.27 2.36 3.77
CA GLY A 145 34.18 1.44 3.50
C GLY A 145 33.63 1.50 2.07
N TYR A 146 33.91 2.59 1.33
CA TYR A 146 33.43 2.73 -0.05
C TYR A 146 34.50 2.22 -1.04
N ASP A 147 35.62 1.68 -0.53
CA ASP A 147 36.61 1.00 -1.34
C ASP A 147 36.91 -0.36 -0.72
N PHE A 148 36.46 -1.45 -1.37
CA PHE A 148 36.48 -2.77 -0.77
C PHE A 148 37.89 -3.35 -0.74
N ASP A 149 38.77 -2.93 -1.65
CA ASP A 149 40.17 -3.35 -1.62
C ASP A 149 40.87 -2.72 -0.41
N THR A 150 40.65 -1.42 -0.19
CA THR A 150 41.19 -0.72 0.97
C THR A 150 40.62 -1.34 2.25
N THR A 151 39.30 -1.59 2.28
CA THR A 151 38.64 -2.18 3.44
C THR A 151 39.32 -3.52 3.78
N ARG A 152 39.55 -4.35 2.75
CA ARG A 152 40.20 -5.65 2.93
C ARG A 152 41.58 -5.47 3.58
N THR A 153 42.35 -4.48 3.12
CA THR A 153 43.69 -4.22 3.67
C THR A 153 43.59 -3.88 5.17
N TYR A 154 42.73 -2.91 5.51
CA TYR A 154 42.56 -2.49 6.90
C TYR A 154 42.22 -3.70 7.77
N LEU A 155 41.26 -4.51 7.33
CA LEU A 155 40.77 -5.65 8.11
C LEU A 155 41.86 -6.71 8.26
N GLN A 156 42.62 -6.96 7.18
CA GLN A 156 43.74 -7.90 7.23
C GLN A 156 44.77 -7.43 8.24
N LYS A 157 45.21 -6.16 8.14
CA LYS A 157 46.30 -5.66 8.95
C LYS A 157 45.89 -5.52 10.42
N VAL A 158 44.63 -5.13 10.67
CA VAL A 158 44.14 -4.95 12.04
C VAL A 158 43.90 -6.32 12.69
N SER A 159 43.34 -7.26 11.93
CA SER A 159 43.18 -8.64 12.40
C SER A 159 44.53 -9.20 12.87
N GLU A 160 45.58 -8.89 12.09
CA GLU A 160 46.92 -9.39 12.34
C GLU A 160 47.52 -8.72 13.58
N ALA A 161 47.39 -7.40 13.69
CA ALA A 161 48.03 -6.63 14.75
C ALA A 161 47.29 -6.76 16.07
N TYR A 162 45.94 -6.76 16.01
CA TYR A 162 45.11 -6.76 17.21
C TYR A 162 44.88 -8.20 17.66
N GLY A 163 44.45 -9.07 16.74
CA GLY A 163 44.37 -10.51 16.96
C GLY A 163 43.29 -10.92 17.94
N LEU A 164 42.35 -10.02 18.25
CA LEU A 164 41.26 -10.29 19.16
C LEU A 164 39.96 -9.87 18.49
N PRO A 165 38.77 -10.38 18.90
CA PRO A 165 37.52 -9.94 18.32
C PRO A 165 37.34 -8.42 18.40
N PHE A 166 36.85 -7.82 17.31
CA PHE A 166 36.60 -6.38 17.23
C PHE A 166 35.41 -6.15 16.32
N GLY A 167 34.93 -4.90 16.28
CA GLY A 167 33.83 -4.52 15.41
C GLY A 167 34.25 -3.41 14.45
N VAL A 168 33.35 -3.10 13.49
CA VAL A 168 33.61 -2.11 12.46
C VAL A 168 32.43 -1.15 12.40
N LYS A 169 32.73 0.14 12.22
CA LYS A 169 31.75 1.17 11.94
C LYS A 169 31.71 1.40 10.43
N MET A 170 30.57 1.09 9.81
CA MET A 170 30.45 1.08 8.36
C MET A 170 29.74 2.34 7.88
N PRO A 171 30.05 2.83 6.66
CA PRO A 171 29.24 3.86 6.03
C PRO A 171 27.94 3.25 5.52
N PRO A 172 26.88 4.05 5.29
CA PRO A 172 25.66 3.51 4.71
C PRO A 172 25.83 3.15 3.23
N TYR A 173 25.31 1.99 2.84
CA TYR A 173 25.27 1.56 1.44
C TYR A 173 23.85 1.72 0.92
N PHE A 174 23.72 1.85 -0.41
CA PHE A 174 22.46 2.25 -1.03
C PHE A 174 22.11 1.35 -2.22
N ASP A 175 22.82 0.23 -2.35
CA ASP A 175 22.78 -0.60 -3.54
C ASP A 175 23.00 -2.05 -3.13
N ILE A 176 22.16 -2.97 -3.64
CA ILE A 176 22.18 -4.36 -3.22
C ILE A 176 23.55 -4.98 -3.51
N ALA A 177 24.14 -4.63 -4.65
CA ALA A 177 25.45 -5.13 -5.04
C ALA A 177 26.52 -4.72 -4.03
N HIS A 178 26.37 -3.53 -3.42
CA HIS A 178 27.32 -3.05 -2.42
C HIS A 178 27.13 -3.78 -1.09
N PHE A 179 25.88 -4.06 -0.69
CA PHE A 179 25.62 -4.90 0.48
C PHE A 179 26.32 -6.24 0.31
N ASP A 180 26.18 -6.85 -0.88
CA ASP A 180 26.77 -8.13 -1.22
C ASP A 180 28.30 -8.04 -1.13
N MET A 181 28.89 -7.04 -1.78
CA MET A 181 30.34 -6.89 -1.82
C MET A 181 30.90 -6.62 -0.43
N ALA A 182 30.23 -5.76 0.35
CA ALA A 182 30.65 -5.44 1.70
C ALA A 182 30.65 -6.69 2.57
N ALA A 183 29.55 -7.47 2.52
CA ALA A 183 29.42 -8.68 3.31
C ALA A 183 30.49 -9.71 2.94
N ALA A 184 30.79 -9.82 1.64
CA ALA A 184 31.78 -10.77 1.16
C ALA A 184 33.15 -10.48 1.79
N VAL A 185 33.52 -9.19 1.90
CA VAL A 185 34.77 -8.80 2.52
C VAL A 185 34.70 -9.10 4.02
N LEU A 186 33.64 -8.65 4.69
CA LEU A 186 33.51 -8.78 6.13
C LEU A 186 33.54 -10.26 6.55
N ASN A 187 32.90 -11.12 5.75
CA ASN A 187 32.77 -12.54 6.07
C ASN A 187 34.10 -13.28 5.91
N ASP A 188 35.12 -12.63 5.32
CA ASP A 188 36.45 -13.20 5.22
C ASP A 188 37.30 -12.93 6.48
N PHE A 189 36.75 -12.19 7.46
CA PHE A 189 37.50 -11.85 8.66
C PHE A 189 36.75 -12.32 9.90
N PRO A 190 37.07 -13.52 10.43
CA PRO A 190 36.35 -14.07 11.58
C PRO A 190 36.50 -13.27 12.88
N LEU A 191 37.51 -12.40 12.96
CA LEU A 191 37.72 -11.58 14.14
C LEU A 191 36.74 -10.40 14.17
N VAL A 192 36.14 -10.06 13.03
CA VAL A 192 35.09 -9.04 13.00
C VAL A 192 33.81 -9.67 13.55
N LYS A 193 33.44 -9.28 14.78
CA LYS A 193 32.36 -9.89 15.53
C LYS A 193 31.10 -9.01 15.53
N PHE A 194 31.25 -7.70 15.32
CA PHE A 194 30.08 -6.84 15.17
C PHE A 194 30.29 -5.81 14.06
N ILE A 195 29.16 -5.41 13.46
CA ILE A 195 29.08 -4.40 12.42
C ILE A 195 28.14 -3.31 12.91
N THR A 196 28.63 -2.08 13.05
CA THR A 196 27.77 -0.95 13.41
C THR A 196 27.30 -0.25 12.14
N CYS A 197 25.97 -0.26 11.94
CA CYS A 197 25.29 0.35 10.82
C CYS A 197 24.36 1.44 11.35
N VAL A 198 24.60 2.74 11.10
CA VAL A 198 25.51 3.27 10.09
C VAL A 198 26.15 4.58 10.61
N ASN A 199 27.26 4.98 9.97
CA ASN A 199 27.82 6.31 10.13
CA ASN A 199 27.81 6.30 10.14
C ASN A 199 26.89 7.30 9.43
N SER A 200 27.22 8.60 9.53
CA SER A 200 26.47 9.67 8.89
C SER A 200 26.23 9.38 7.41
N ILE A 201 25.10 9.88 6.87
CA ILE A 201 24.93 9.99 5.43
C ILE A 201 25.87 11.11 4.96
N GLY A 202 26.96 10.72 4.29
CA GLY A 202 28.09 11.59 4.02
C GLY A 202 27.77 12.71 3.03
N ASN A 203 28.41 13.86 3.24
CA ASN A 203 28.55 14.90 2.23
C ASN A 203 27.18 15.39 1.76
N GLY A 204 26.29 15.65 2.72
CA GLY A 204 25.10 16.45 2.48
C GLY A 204 25.46 17.94 2.47
N LEU A 205 24.52 18.78 2.00
CA LEU A 205 24.73 20.21 1.91
C LEU A 205 23.46 20.93 2.38
N VAL A 206 23.61 21.81 3.39
CA VAL A 206 22.51 22.61 3.90
C VAL A 206 22.82 24.08 3.60
N ILE A 207 21.81 24.79 3.05
CA ILE A 207 21.94 26.19 2.68
C ILE A 207 20.82 26.99 3.36
N ASP A 208 21.20 28.14 3.93
CA ASP A 208 20.26 29.06 4.55
C ASP A 208 19.69 29.97 3.46
N PRO A 209 18.38 29.91 3.14
CA PRO A 209 17.83 30.70 2.04
C PRO A 209 17.91 32.21 2.27
N ALA A 210 17.94 32.63 3.54
CA ALA A 210 17.94 34.05 3.90
C ALA A 210 19.23 34.73 3.45
N ASN A 211 20.39 34.17 3.81
CA ASN A 211 21.68 34.77 3.46
C ASN A 211 22.36 34.04 2.30
N GLU A 212 21.70 33.00 1.74
CA GLU A 212 22.18 32.29 0.57
C GLU A 212 23.56 31.66 0.81
N THR A 213 23.83 31.28 2.07
CA THR A 213 25.13 30.80 2.50
C THR A 213 24.97 29.41 3.13
N VAL A 214 26.00 28.56 2.97
CA VAL A 214 26.05 27.25 3.61
C VAL A 214 26.13 27.46 5.13
N VAL A 215 25.78 26.44 5.93
CA VAL A 215 25.61 26.63 7.37
C VAL A 215 26.84 26.14 8.14
N ILE A 216 27.75 25.39 7.50
CA ILE A 216 29.00 24.99 8.13
C ILE A 216 30.16 25.44 7.26
N LYS A 217 31.33 25.69 7.89
CA LYS A 217 32.47 26.33 7.25
C LYS A 217 33.29 25.32 6.44
N PRO A 218 33.67 24.14 6.99
CA PRO A 218 34.55 23.22 6.26
C PRO A 218 33.95 22.64 4.99
N LYS A 219 34.83 22.28 4.03
CA LYS A 219 34.48 21.53 2.85
C LYS A 219 33.34 22.17 2.05
N GLN A 220 33.31 23.50 1.98
CA GLN A 220 32.34 24.24 1.19
C GLN A 220 30.91 23.93 1.64
N GLY A 221 30.74 23.60 2.92
CA GLY A 221 29.42 23.38 3.51
C GLY A 221 29.00 21.92 3.54
N PHE A 222 29.86 21.01 3.03
CA PHE A 222 29.54 19.60 2.94
C PHE A 222 29.83 18.92 4.27
N GLY A 223 28.87 18.14 4.77
CA GLY A 223 29.01 17.46 6.06
C GLY A 223 28.08 16.24 6.17
N GLY A 224 28.37 15.38 7.16
CA GLY A 224 27.58 14.19 7.43
C GLY A 224 26.22 14.52 8.05
N LEU A 225 25.17 13.86 7.55
CA LEU A 225 23.81 14.01 8.06
C LEU A 225 23.54 12.97 9.14
N GLY A 226 22.94 13.40 10.25
CA GLY A 226 22.41 12.52 11.28
C GLY A 226 20.95 12.84 11.60
N GLY A 227 20.29 11.97 12.36
CA GLY A 227 18.97 12.23 12.89
C GLY A 227 17.87 11.61 12.02
N LYS A 228 16.75 12.31 11.88
CA LYS A 228 15.56 11.77 11.24
C LYS A 228 15.83 11.44 9.77
N TYR A 229 16.83 12.10 9.17
CA TYR A 229 17.20 11.87 7.78
C TYR A 229 17.57 10.40 7.54
N VAL A 230 18.15 9.71 8.54
CA VAL A 230 18.93 8.52 8.28
C VAL A 230 18.23 7.23 8.75
N LEU A 231 17.05 7.33 9.38
CA LEU A 231 16.44 6.17 10.01
C LEU A 231 16.20 5.04 8.99
N PRO A 232 15.50 5.28 7.85
CA PRO A 232 15.27 4.22 6.87
C PRO A 232 16.55 3.58 6.31
N THR A 233 17.57 4.41 6.06
CA THR A 233 18.87 3.94 5.59
C THR A 233 19.51 3.05 6.65
N ALA A 234 19.45 3.49 7.92
CA ALA A 234 20.04 2.75 9.02
C ALA A 234 19.37 1.39 9.18
N LEU A 235 18.03 1.36 9.17
CA LEU A 235 17.27 0.12 9.33
C LEU A 235 17.64 -0.86 8.21
N ALA A 236 17.74 -0.35 6.98
CA ALA A 236 18.05 -1.16 5.81
C ALA A 236 19.43 -1.80 5.95
N ASN A 237 20.42 -0.99 6.34
CA ASN A 237 21.79 -1.46 6.48
C ASN A 237 21.85 -2.50 7.61
N VAL A 238 21.24 -2.21 8.76
CA VAL A 238 21.19 -3.15 9.87
C VAL A 238 20.67 -4.50 9.38
N ASN A 239 19.51 -4.50 8.71
CA ASN A 239 18.83 -5.72 8.31
C ASN A 239 19.63 -6.45 7.21
N ALA A 240 20.22 -5.69 6.28
CA ALA A 240 20.98 -6.27 5.18
C ALA A 240 22.18 -7.06 5.71
N PHE A 241 22.89 -6.51 6.70
CA PHE A 241 24.07 -7.14 7.28
C PHE A 241 23.66 -8.23 8.28
N PHE A 242 22.54 -8.03 8.97
CA PHE A 242 21.98 -9.04 9.86
C PHE A 242 21.79 -10.35 9.09
N ARG A 243 21.25 -10.24 7.87
CA ARG A 243 20.97 -11.41 7.04
C ARG A 243 22.25 -11.95 6.38
N ARG A 244 23.15 -11.08 5.91
CA ARG A 244 24.29 -11.50 5.11
C ARG A 244 25.46 -11.97 5.97
N CYS A 245 25.54 -11.53 7.23
CA CYS A 245 26.64 -11.89 8.11
C CYS A 245 26.10 -12.59 9.36
N PRO A 246 25.56 -13.83 9.22
CA PRO A 246 24.93 -14.53 10.34
C PRO A 246 25.87 -14.90 11.49
N ASP A 247 27.19 -14.91 11.22
CA ASP A 247 28.19 -15.23 12.24
C ASP A 247 28.69 -13.97 12.96
N LYS A 248 28.00 -12.83 12.77
CA LYS A 248 28.40 -11.57 13.38
C LYS A 248 27.18 -10.90 14.00
N LEU A 249 27.42 -10.01 14.98
CA LEU A 249 26.39 -9.14 15.54
C LEU A 249 26.26 -7.90 14.67
N VAL A 250 25.10 -7.24 14.74
CA VAL A 250 24.91 -5.92 14.15
C VAL A 250 24.44 -4.97 15.25
N PHE A 251 25.06 -3.77 15.29
CA PHE A 251 24.62 -2.69 16.14
C PHE A 251 23.90 -1.66 15.25
N GLY A 252 22.80 -1.11 15.75
CA GLY A 252 22.04 -0.10 15.02
C GLY A 252 22.47 1.31 15.44
N CYS A 253 22.59 2.20 14.46
CA CYS A 253 22.92 3.60 14.69
C CYS A 253 22.29 4.43 13.58
N GLY A 254 21.41 5.37 13.96
CA GLY A 254 20.80 6.31 13.02
C GLY A 254 19.33 6.56 13.34
N GLY A 255 18.99 7.81 13.63
CA GLY A 255 17.61 8.28 13.67
C GLY A 255 16.85 7.86 14.92
N VAL A 256 17.54 7.47 15.99
CA VAL A 256 16.89 7.07 17.23
C VAL A 256 16.62 8.30 18.10
N TYR A 257 15.33 8.60 18.30
CA TYR A 257 14.87 9.70 19.15
C TYR A 257 13.95 9.20 20.26
N SER A 258 13.55 7.93 20.21
CA SER A 258 12.50 7.40 21.07
C SER A 258 12.60 5.87 21.13
N GLY A 259 11.88 5.28 22.10
CA GLY A 259 11.78 3.84 22.23
C GLY A 259 11.28 3.16 20.95
N GLU A 260 10.42 3.86 20.20
CA GLU A 260 9.85 3.33 18.97
C GLU A 260 10.95 3.06 17.94
N GLU A 261 11.86 4.03 17.73
CA GLU A 261 12.95 3.84 16.78
C GLU A 261 13.90 2.74 17.26
N ALA A 262 14.12 2.66 18.58
CA ALA A 262 14.94 1.62 19.18
C ALA A 262 14.35 0.25 18.87
N PHE A 263 13.03 0.13 19.07
CA PHE A 263 12.28 -1.09 18.81
C PHE A 263 12.49 -1.54 17.37
N LEU A 264 12.40 -0.61 16.41
CA LEU A 264 12.54 -0.90 14.99
C LEU A 264 13.95 -1.41 14.68
N HIS A 265 14.98 -0.76 15.24
CA HIS A 265 16.36 -1.20 15.06
C HIS A 265 16.53 -2.65 15.53
N ILE A 266 15.98 -2.99 16.70
CA ILE A 266 16.14 -4.30 17.30
C ILE A 266 15.37 -5.34 16.48
N LEU A 267 14.17 -4.97 16.02
CA LEU A 267 13.35 -5.81 15.15
C LEU A 267 14.11 -6.14 13.86
N ALA A 268 14.91 -5.19 13.37
CA ALA A 268 15.68 -5.33 12.15
C ALA A 268 16.92 -6.20 12.36
N GLY A 269 17.38 -6.33 13.62
CA GLY A 269 18.46 -7.24 13.96
C GLY A 269 19.48 -6.67 14.95
N ALA A 270 19.32 -5.42 15.39
CA ALA A 270 20.30 -4.75 16.23
C ALA A 270 20.40 -5.41 17.61
N SER A 271 21.64 -5.70 18.04
CA SER A 271 21.95 -6.15 19.39
C SER A 271 22.05 -4.96 20.35
N MET A 272 22.81 -3.94 19.94
CA MET A 272 22.92 -2.68 20.66
C MET A 272 22.40 -1.56 19.77
N VAL A 273 21.92 -0.47 20.39
CA VAL A 273 21.36 0.69 19.69
C VAL A 273 22.12 1.93 20.14
N GLN A 274 22.74 2.63 19.19
CA GLN A 274 23.54 3.82 19.45
C GLN A 274 22.71 5.07 19.14
N VAL A 275 22.95 6.13 19.91
CA VAL A 275 22.18 7.37 19.83
C VAL A 275 23.14 8.54 19.64
N GLY A 276 23.01 9.25 18.52
CA GLY A 276 23.91 10.34 18.17
C GLY A 276 23.22 11.70 18.33
N THR A 277 22.58 12.16 17.25
CA THR A 277 22.00 13.49 17.18
C THR A 277 21.06 13.74 18.38
N ALA A 278 20.17 12.79 18.68
CA ALA A 278 19.20 12.95 19.74
C ALA A 278 19.89 13.18 21.09
N LEU A 279 21.03 12.50 21.30
CA LEU A 279 21.81 12.61 22.52
C LEU A 279 22.48 13.98 22.60
N HIS A 280 22.92 14.49 21.44
CA HIS A 280 23.51 15.81 21.34
C HIS A 280 22.46 16.86 21.74
N ASP A 281 21.21 16.66 21.28
CA ASP A 281 20.11 17.58 21.54
C ASP A 281 19.71 17.59 23.01
N GLU A 282 19.65 16.40 23.64
CA GLU A 282 18.90 16.20 24.88
C GLU A 282 19.82 16.00 26.09
N GLY A 283 21.05 15.54 25.87
CA GLY A 283 21.96 15.19 26.95
C GLY A 283 21.68 13.78 27.48
N PRO A 284 22.52 13.29 28.43
CA PRO A 284 22.47 11.88 28.86
C PRO A 284 21.19 11.43 29.56
N ILE A 285 20.30 12.35 29.92
CA ILE A 285 19.00 12.00 30.49
C ILE A 285 18.19 11.18 29.50
N ILE A 286 18.48 11.30 28.19
CA ILE A 286 17.75 10.60 27.15
C ILE A 286 17.76 9.08 27.39
N PHE A 287 18.82 8.54 28.00
CA PHE A 287 18.96 7.10 28.19
C PHE A 287 17.90 6.60 29.16
N ALA A 288 17.59 7.39 30.19
CA ALA A 288 16.53 7.06 31.13
C ALA A 288 15.18 7.06 30.41
N ARG A 289 14.98 8.03 29.51
CA ARG A 289 13.75 8.14 28.74
C ARG A 289 13.60 6.95 27.79
N LEU A 290 14.69 6.58 27.12
CA LEU A 290 14.67 5.51 26.11
C LEU A 290 14.36 4.17 26.76
N ASN A 291 14.96 3.88 27.93
CA ASN A 291 14.68 2.65 28.68
C ASN A 291 13.18 2.56 29.00
N LYS A 292 12.62 3.67 29.51
CA LYS A 292 11.21 3.73 29.90
C LYS A 292 10.32 3.51 28.67
N GLU A 293 10.65 4.17 27.55
CA GLU A 293 9.81 4.12 26.35
C GLU A 293 9.86 2.73 25.72
N LEU A 294 11.05 2.10 25.69
CA LEU A 294 11.19 0.78 25.10
C LEU A 294 10.40 -0.24 25.91
N GLN A 295 10.50 -0.17 27.25
CA GLN A 295 9.79 -1.05 28.15
C GLN A 295 8.27 -0.91 27.97
N GLU A 296 7.82 0.33 27.72
CA GLU A 296 6.41 0.64 27.51
C GLU A 296 5.89 -0.10 26.28
N ILE A 297 6.64 -0.05 25.18
CA ILE A 297 6.29 -0.73 23.94
C ILE A 297 6.23 -2.24 24.20
N MET A 298 7.23 -2.77 24.92
CA MET A 298 7.31 -4.19 25.22
C MET A 298 6.12 -4.63 26.08
N THR A 299 5.75 -3.82 27.08
CA THR A 299 4.60 -4.09 27.93
C THR A 299 3.34 -4.19 27.08
N ASN A 300 3.16 -3.24 26.16
CA ASN A 300 1.96 -3.17 25.32
C ASN A 300 1.87 -4.39 24.41
N LYS A 301 3.02 -4.96 24.02
CA LYS A 301 3.06 -6.08 23.08
C LYS A 301 3.17 -7.42 23.81
N GLY A 302 3.39 -7.39 25.13
CA GLY A 302 3.48 -8.59 25.94
C GLY A 302 4.81 -9.32 25.79
N TYR A 303 5.88 -8.55 25.53
CA TYR A 303 7.24 -9.08 25.48
C TYR A 303 7.92 -8.84 26.83
N LYS A 304 8.71 -9.82 27.30
CA LYS A 304 9.42 -9.73 28.56
C LYS A 304 10.92 -9.46 28.34
N THR A 305 11.48 -9.89 27.19
CA THR A 305 12.88 -9.68 26.85
C THR A 305 12.99 -9.19 25.41
N LEU A 306 14.17 -8.66 25.06
CA LEU A 306 14.49 -8.23 23.71
C LEU A 306 14.57 -9.43 22.76
N ASP A 307 14.92 -10.61 23.30
CA ASP A 307 15.15 -11.79 22.49
C ASP A 307 13.85 -12.29 21.87
N GLU A 308 12.70 -11.83 22.41
CA GLU A 308 11.39 -12.20 21.89
C GLU A 308 11.14 -11.58 20.51
N PHE A 309 11.87 -10.52 20.14
CA PHE A 309 11.57 -9.83 18.89
C PHE A 309 12.81 -9.36 18.11
N ARG A 310 14.03 -9.47 18.68
CA ARG A 310 15.21 -9.06 17.95
C ARG A 310 15.36 -9.87 16.66
N GLY A 311 15.44 -9.17 15.52
CA GLY A 311 15.67 -9.79 14.23
C GLY A 311 14.44 -10.50 13.67
N ARG A 312 13.25 -10.18 14.22
CA ARG A 312 12.02 -10.88 13.84
C ARG A 312 11.10 -9.98 13.01
N VAL A 313 11.65 -8.93 12.37
CA VAL A 313 10.91 -8.15 11.40
C VAL A 313 10.30 -9.09 10.37
N LYS A 314 9.03 -8.84 10.01
CA LYS A 314 8.28 -9.66 9.06
C LYS A 314 8.29 -8.99 7.68
N THR A 315 8.41 -9.81 6.63
CA THR A 315 8.27 -9.39 5.24
C THR A 315 6.98 -9.98 4.67
N MET A 316 6.57 -9.49 3.49
CA MET A 316 5.30 -9.88 2.88
C MET A 316 5.55 -10.91 1.76
N MET B 5 9.45 39.53 -12.22
CA MET B 5 10.72 38.78 -12.44
C MET B 5 10.45 37.64 -13.44
N SER B 6 11.51 37.16 -14.11
CA SER B 6 11.40 36.10 -15.10
C SER B 6 11.83 34.76 -14.50
N LEU B 7 11.00 33.72 -14.70
CA LEU B 7 11.31 32.36 -14.29
C LEU B 7 11.90 31.57 -15.46
N LYS B 8 12.13 32.23 -16.62
CA LYS B 8 12.43 31.53 -17.86
C LYS B 8 13.80 30.86 -17.80
N VAL B 9 13.88 29.72 -18.49
CA VAL B 9 15.12 28.97 -18.67
C VAL B 9 15.31 28.73 -20.17
N ASN B 10 16.50 29.06 -20.66
CA ASN B 10 16.85 28.96 -22.07
C ASN B 10 18.01 27.98 -22.23
N ILE B 11 17.71 26.73 -22.62
CA ILE B 11 18.73 25.70 -22.75
C ILE B 11 18.41 24.80 -23.95
N LEU B 12 19.48 24.35 -24.62
CA LEU B 12 19.43 23.48 -25.78
C LEU B 12 18.56 24.05 -26.88
N GLY B 13 18.53 25.40 -26.98
CA GLY B 13 17.81 26.10 -28.04
C GLY B 13 16.34 26.34 -27.70
N HIS B 14 15.85 25.73 -26.60
CA HIS B 14 14.45 25.83 -26.21
C HIS B 14 14.25 26.92 -25.15
N GLU B 15 13.05 27.52 -25.17
CA GLU B 15 12.57 28.41 -24.13
C GLU B 15 11.62 27.61 -23.23
N PHE B 16 11.94 27.59 -21.92
CA PHE B 16 11.07 27.02 -20.91
C PHE B 16 10.48 28.17 -20.09
N SER B 17 9.16 28.13 -19.84
CA SER B 17 8.45 29.19 -19.14
C SER B 17 8.94 29.32 -17.69
N ASN B 18 9.35 28.19 -17.10
CA ASN B 18 9.80 28.13 -15.72
C ASN B 18 10.67 26.88 -15.57
N PRO B 19 11.44 26.73 -14.47
CA PRO B 19 12.34 25.60 -14.32
C PRO B 19 11.71 24.27 -13.88
N PHE B 20 10.39 24.23 -13.66
CA PHE B 20 9.75 23.10 -13.01
C PHE B 20 9.29 22.05 -14.01
N MET B 21 9.47 20.78 -13.62
CA MET B 21 8.95 19.62 -14.33
C MET B 21 8.74 18.50 -13.31
N ASN B 22 8.02 17.44 -13.72
CA ASN B 22 7.90 16.24 -12.92
C ASN B 22 9.25 15.54 -12.87
N ALA B 23 9.51 14.81 -11.78
CA ALA B 23 10.57 13.84 -11.72
C ALA B 23 10.15 12.61 -12.54
N ALA B 24 11.09 11.97 -13.24
CA ALA B 24 10.77 10.78 -14.00
C ALA B 24 10.09 9.77 -13.07
N GLY B 25 9.00 9.16 -13.55
CA GLY B 25 8.31 8.13 -12.79
C GLY B 25 7.02 8.61 -12.15
N VAL B 26 6.89 9.92 -11.93
CA VAL B 26 5.72 10.49 -11.27
C VAL B 26 4.86 11.22 -12.30
N LEU B 27 3.59 10.81 -12.39
CA LEU B 27 2.59 11.38 -13.28
C LEU B 27 3.08 11.39 -14.72
N CYS B 28 3.50 10.24 -15.26
CA CYS B 28 4.07 10.23 -16.59
C CYS B 28 4.15 8.84 -17.25
N THR B 29 3.36 7.86 -16.76
CA THR B 29 3.41 6.50 -17.29
C THR B 29 2.43 6.34 -18.47
N THR B 30 1.21 6.88 -18.33
CA THR B 30 0.14 6.70 -19.30
C THR B 30 -0.07 7.98 -20.10
N GLU B 31 -0.88 7.89 -21.16
CA GLU B 31 -1.25 9.03 -21.98
C GLU B 31 -2.00 10.07 -21.15
N GLU B 32 -2.88 9.60 -20.24
CA GLU B 32 -3.64 10.49 -19.37
C GLU B 32 -2.70 11.26 -18.46
N ASP B 33 -1.74 10.56 -17.85
CA ASP B 33 -0.74 11.17 -16.98
C ASP B 33 -0.04 12.32 -17.70
N LEU B 34 0.48 12.03 -18.90
CA LEU B 34 1.27 12.96 -19.68
C LEU B 34 0.43 14.16 -20.11
N ARG B 35 -0.86 13.92 -20.41
CA ARG B 35 -1.79 15.00 -20.72
C ARG B 35 -1.88 15.95 -19.53
N ARG B 36 -2.02 15.40 -18.31
CA ARG B 36 -2.19 16.22 -17.12
C ARG B 36 -0.94 17.06 -16.87
N MET B 37 0.24 16.49 -17.12
CA MET B 37 1.49 17.22 -16.97
C MET B 37 1.59 18.33 -18.02
N THR B 38 1.15 18.05 -19.25
CA THR B 38 1.17 19.05 -20.31
C THR B 38 0.23 20.21 -19.98
N GLU B 39 -0.94 19.92 -19.39
CA GLU B 39 -1.95 20.94 -19.11
C GLU B 39 -1.59 21.73 -17.85
N SER B 40 -0.68 21.21 -17.02
CA SER B 40 -0.22 21.86 -15.80
C SER B 40 0.60 23.12 -16.13
N GLU B 41 1.02 23.85 -15.08
CA GLU B 41 1.79 25.07 -15.23
C GLU B 41 3.29 24.80 -15.29
N SER B 42 3.68 23.51 -15.35
CA SER B 42 5.08 23.11 -15.37
C SER B 42 5.78 23.64 -16.62
N GLY B 43 7.06 23.96 -16.50
CA GLY B 43 7.88 24.40 -17.63
C GLY B 43 8.14 23.27 -18.62
N SER B 44 8.16 22.02 -18.14
CA SER B 44 8.38 20.85 -18.98
C SER B 44 7.81 19.61 -18.30
N LEU B 45 8.06 18.45 -18.92
CA LEU B 45 7.64 17.16 -18.39
C LEU B 45 8.58 16.08 -18.93
N ILE B 46 8.58 14.92 -18.27
CA ILE B 46 9.40 13.80 -18.68
C ILE B 46 8.59 12.51 -18.57
N GLY B 47 8.77 11.62 -19.55
CA GLY B 47 8.10 10.32 -19.57
C GLY B 47 8.69 9.37 -18.54
N LYS B 48 7.90 8.36 -18.13
CA LYS B 48 8.37 7.28 -17.27
C LYS B 48 9.60 6.63 -17.89
N SER B 49 10.59 6.29 -17.05
CA SER B 49 11.73 5.50 -17.52
C SER B 49 11.22 4.23 -18.17
N CYS B 50 11.51 4.07 -19.47
CA CYS B 50 10.92 2.97 -20.25
C CYS B 50 11.96 1.91 -20.57
N THR B 51 11.46 0.74 -21.00
CA THR B 51 12.28 -0.38 -21.47
C THR B 51 11.81 -0.74 -22.87
N LEU B 52 12.58 -1.61 -23.55
CA LEU B 52 12.32 -1.96 -24.94
C LEU B 52 10.92 -2.54 -25.09
N ALA B 53 10.58 -3.48 -24.18
CA ALA B 53 9.27 -4.10 -24.10
C ALA B 53 8.52 -3.57 -22.89
N PRO B 54 7.18 -3.64 -22.84
CA PRO B 54 6.43 -3.22 -21.66
C PRO B 54 6.78 -4.01 -20.41
N ARG B 55 6.55 -3.41 -19.23
CA ARG B 55 6.70 -4.06 -17.94
C ARG B 55 5.50 -3.69 -17.06
N THR B 56 5.05 -4.64 -16.22
CA THR B 56 3.99 -4.39 -15.25
C THR B 56 4.60 -4.02 -13.89
N GLY B 57 5.87 -4.37 -13.66
CA GLY B 57 6.61 -3.96 -12.49
C GLY B 57 6.49 -4.95 -11.33
N ASN B 58 6.81 -4.48 -10.12
CA ASN B 58 6.88 -5.32 -8.93
C ASN B 58 5.49 -5.56 -8.34
N PRO B 59 5.30 -6.61 -7.50
CA PRO B 59 4.02 -6.86 -6.85
C PRO B 59 3.68 -5.86 -5.75
N GLU B 60 2.40 -5.83 -5.36
CA GLU B 60 1.87 -4.87 -4.41
C GLU B 60 1.93 -5.34 -2.96
N PRO B 61 1.98 -4.42 -1.96
CA PRO B 61 2.15 -2.99 -2.17
C PRO B 61 3.59 -2.60 -2.47
N ARG B 62 3.79 -1.60 -3.35
CA ARG B 62 5.11 -1.20 -3.82
C ARG B 62 5.33 0.31 -3.69
N TYR B 63 4.37 1.03 -3.08
CA TYR B 63 4.51 2.45 -2.81
C TYR B 63 3.90 2.76 -1.45
N PHE B 64 4.57 3.60 -0.66
CA PHE B 64 4.07 4.02 0.64
C PHE B 64 4.48 5.46 0.92
N GLY B 65 3.49 6.35 1.03
CA GLY B 65 3.70 7.71 1.47
C GLY B 65 4.08 7.76 2.96
N LEU B 66 5.08 8.59 3.28
CA LEU B 66 5.59 8.71 4.64
C LEU B 66 5.42 10.17 5.10
N PRO B 67 5.38 10.45 6.43
CA PRO B 67 5.43 11.81 6.92
C PRO B 67 6.56 12.66 6.33
N LEU B 68 7.74 12.05 6.10
CA LEU B 68 8.90 12.80 5.63
C LEU B 68 9.21 12.50 4.16
N GLY B 69 8.33 11.80 3.44
CA GLY B 69 8.57 11.56 2.02
C GLY B 69 7.86 10.31 1.51
N SER B 70 8.62 9.41 0.88
CA SER B 70 8.07 8.23 0.23
C SER B 70 9.11 7.12 0.18
N ILE B 71 8.63 5.87 0.15
CA ILE B 71 9.44 4.71 -0.21
C ILE B 71 8.70 3.97 -1.33
N ASN B 72 9.44 3.57 -2.37
CA ASN B 72 8.83 2.88 -3.50
C ASN B 72 9.77 1.77 -4.00
N SER B 73 9.15 0.73 -4.56
CA SER B 73 9.83 -0.27 -5.37
C SER B 73 8.94 -0.64 -6.55
N MET B 74 8.72 0.34 -7.44
CA MET B 74 7.75 0.21 -8.53
C MET B 74 8.17 -0.90 -9.48
N GLY B 75 9.46 -0.95 -9.83
CA GLY B 75 10.00 -1.98 -10.70
C GLY B 75 9.88 -1.63 -12.18
N LEU B 76 9.95 -0.33 -12.50
CA LEU B 76 9.94 0.19 -13.86
C LEU B 76 8.71 -0.29 -14.63
N PRO B 77 7.48 -0.12 -14.10
CA PRO B 77 6.29 -0.35 -14.89
C PRO B 77 6.16 0.69 -16.00
N ASN B 78 6.05 0.25 -17.25
CA ASN B 78 6.03 1.17 -18.37
C ASN B 78 5.41 0.49 -19.59
N LEU B 79 4.89 1.30 -20.52
CA LEU B 79 4.16 0.81 -21.68
C LEU B 79 5.09 0.45 -22.84
N GLY B 80 6.42 0.48 -22.60
CA GLY B 80 7.40 0.13 -23.61
C GLY B 80 7.78 1.35 -24.45
N VAL B 81 8.98 1.29 -25.06
CA VAL B 81 9.57 2.44 -25.73
C VAL B 81 8.68 2.93 -26.87
N ASP B 82 8.04 2.00 -27.61
CA ASP B 82 7.22 2.35 -28.76
C ASP B 82 6.08 3.29 -28.37
N PHE B 83 5.53 3.11 -27.17
CA PHE B 83 4.44 3.94 -26.69
C PHE B 83 4.92 5.38 -26.49
N TYR B 84 6.08 5.54 -25.84
CA TYR B 84 6.59 6.86 -25.47
C TYR B 84 7.10 7.59 -26.72
N LEU B 85 7.73 6.84 -27.65
CA LEU B 85 8.16 7.40 -28.92
C LEU B 85 6.95 7.92 -29.70
N SER B 86 5.87 7.12 -29.71
CA SER B 86 4.65 7.48 -30.40
C SER B 86 4.01 8.72 -29.78
N TYR B 87 4.02 8.80 -28.44
CA TYR B 87 3.55 9.98 -27.72
C TYR B 87 4.35 11.22 -28.16
N ALA B 88 5.68 11.06 -28.24
CA ALA B 88 6.59 12.15 -28.57
C ALA B 88 6.43 12.58 -30.03
N ALA B 89 6.11 11.62 -30.92
CA ALA B 89 6.03 11.86 -32.35
C ALA B 89 4.68 12.45 -32.75
N GLN B 90 3.59 12.01 -32.09
CA GLN B 90 2.24 12.22 -32.60
C GLN B 90 1.37 13.02 -31.62
N THR B 91 1.46 12.74 -30.31
CA THR B 91 0.46 13.20 -29.35
C THR B 91 0.86 14.53 -28.69
N HIS B 92 2.11 14.64 -28.20
CA HIS B 92 2.50 15.75 -27.34
C HIS B 92 2.35 17.10 -28.05
N ASP B 93 1.83 18.09 -27.30
CA ASP B 93 1.70 19.46 -27.78
C ASP B 93 2.96 20.25 -27.42
N TYR B 94 3.87 20.42 -28.39
CA TYR B 94 5.14 21.07 -28.17
C TYR B 94 4.98 22.58 -28.03
N SER B 95 3.85 23.14 -28.49
CA SER B 95 3.57 24.55 -28.33
C SER B 95 3.30 24.88 -26.85
N ARG B 96 2.88 23.89 -26.07
CA ARG B 96 2.69 24.05 -24.63
C ARG B 96 4.05 24.08 -23.93
N LYS B 97 4.87 23.05 -24.14
CA LYS B 97 6.16 22.94 -23.49
C LYS B 97 7.01 21.85 -24.15
N PRO B 98 8.36 21.89 -24.00
CA PRO B 98 9.23 20.81 -24.45
C PRO B 98 9.04 19.51 -23.68
N LEU B 99 9.44 18.40 -24.30
CA LEU B 99 9.28 17.06 -23.74
C LEU B 99 10.65 16.38 -23.60
N PHE B 100 10.86 15.77 -22.43
CA PHE B 100 11.94 14.82 -22.20
C PHE B 100 11.36 13.41 -22.18
N LEU B 101 12.16 12.42 -22.63
CA LEU B 101 11.88 11.01 -22.39
C LEU B 101 13.03 10.42 -21.57
N SER B 102 12.67 9.66 -20.52
CA SER B 102 13.62 8.88 -19.76
C SER B 102 13.67 7.45 -20.32
N MET B 103 14.88 6.93 -20.53
CA MET B 103 15.08 5.58 -21.02
C MET B 103 15.99 4.82 -20.07
N SER B 104 15.53 3.62 -19.67
CA SER B 104 16.20 2.81 -18.66
C SER B 104 16.26 1.35 -19.11
N GLY B 105 16.99 1.09 -20.22
CA GLY B 105 17.27 -0.28 -20.62
C GLY B 105 18.02 -1.01 -19.51
N LEU B 106 17.76 -2.32 -19.36
CA LEU B 106 18.34 -3.11 -18.28
C LEU B 106 19.69 -3.68 -18.69
N SER B 107 20.13 -3.38 -19.93
CA SER B 107 21.45 -3.69 -20.44
C SER B 107 21.86 -2.60 -21.43
N VAL B 108 23.16 -2.49 -21.72
CA VAL B 108 23.64 -1.47 -22.64
C VAL B 108 23.06 -1.75 -24.03
N GLU B 109 22.92 -3.03 -24.40
CA GLU B 109 22.33 -3.45 -25.66
C GLU B 109 20.89 -2.95 -25.80
N GLU B 110 20.09 -3.11 -24.73
CA GLU B 110 18.70 -2.67 -24.73
C GLU B 110 18.64 -1.15 -24.87
N SER B 111 19.48 -0.45 -24.12
CA SER B 111 19.54 1.01 -24.14
C SER B 111 19.88 1.52 -25.54
N VAL B 112 20.84 0.86 -26.21
CA VAL B 112 21.26 1.23 -27.55
C VAL B 112 20.10 1.07 -28.53
N GLU B 113 19.43 -0.08 -28.54
CA GLU B 113 18.27 -0.32 -29.38
C GLU B 113 17.25 0.83 -29.25
N MET B 114 16.99 1.25 -28.00
CA MET B 114 15.95 2.21 -27.70
C MET B 114 16.30 3.60 -28.21
N VAL B 115 17.54 4.05 -28.00
CA VAL B 115 17.93 5.42 -28.29
C VAL B 115 18.04 5.63 -29.80
N LYS B 116 18.39 4.56 -30.54
CA LYS B 116 18.42 4.62 -32.00
C LYS B 116 17.06 5.02 -32.55
N LYS B 117 15.99 4.49 -31.94
CA LYS B 117 14.63 4.78 -32.36
C LYS B 117 14.27 6.24 -32.08
N LEU B 118 14.92 6.85 -31.08
CA LEU B 118 14.59 8.21 -30.66
C LEU B 118 15.18 9.25 -31.63
N VAL B 119 16.30 8.89 -32.29
CA VAL B 119 17.07 9.81 -33.12
C VAL B 119 16.16 10.59 -34.08
N PRO B 120 15.37 9.94 -34.97
CA PRO B 120 14.51 10.66 -35.92
C PRO B 120 13.51 11.61 -35.26
N ILE B 121 13.01 11.25 -34.07
CA ILE B 121 11.98 12.00 -33.39
C ILE B 121 12.60 13.24 -32.71
N THR B 122 13.81 13.11 -32.16
CA THR B 122 14.54 14.26 -31.63
C THR B 122 14.78 15.27 -32.76
N LYS B 123 15.23 14.79 -33.92
CA LYS B 123 15.52 15.66 -35.06
C LYS B 123 14.26 16.39 -35.51
N GLU B 124 13.13 15.67 -35.58
CA GLU B 124 11.88 16.21 -36.10
C GLU B 124 11.19 17.10 -35.08
N LYS B 125 11.11 16.64 -33.82
CA LYS B 125 10.24 17.26 -32.81
C LYS B 125 11.03 18.00 -31.72
N GLY B 126 12.29 17.62 -31.48
CA GLY B 126 13.12 18.25 -30.47
C GLY B 126 13.03 17.54 -29.11
N THR B 127 12.53 16.30 -29.11
CA THR B 127 12.39 15.50 -27.90
C THR B 127 13.78 15.28 -27.28
N ILE B 128 13.91 15.48 -25.96
CA ILE B 128 15.19 15.42 -25.27
C ILE B 128 15.29 14.09 -24.49
N LEU B 129 16.46 13.45 -24.53
CA LEU B 129 16.72 12.19 -23.84
C LEU B 129 17.36 12.41 -22.48
N GLU B 130 16.80 11.77 -21.45
CA GLU B 130 17.46 11.55 -20.16
C GLU B 130 17.73 10.05 -20.01
N LEU B 131 19.02 9.66 -20.04
CA LEU B 131 19.42 8.28 -19.85
C LEU B 131 19.47 7.95 -18.36
N ASN B 132 18.66 6.98 -17.92
CA ASN B 132 18.58 6.61 -16.50
C ASN B 132 19.71 5.64 -16.16
N LEU B 133 20.64 6.08 -15.31
CA LEU B 133 21.76 5.26 -14.85
C LEU B 133 21.62 4.92 -13.36
N SER B 134 20.38 4.88 -12.83
N SER B 134 20.38 4.98 -12.84
CA SER B 134 20.18 4.78 -11.39
CA SER B 134 20.09 4.64 -11.46
C SER B 134 18.81 4.22 -11.00
C SER B 134 19.17 3.41 -11.43
N ALA B 135 18.32 3.23 -11.75
N ALA B 135 17.86 3.65 -11.36
CA ALA B 135 17.07 2.55 -11.41
CA ALA B 135 16.89 2.58 -11.37
C ALA B 135 17.32 1.55 -10.27
C ALA B 135 17.23 1.55 -10.29
N PRO B 136 16.89 1.81 -9.01
CA PRO B 136 17.28 0.98 -7.88
C PRO B 136 16.31 -0.11 -7.41
N ASN B 137 15.24 -0.39 -8.16
CA ASN B 137 14.17 -1.26 -7.67
C ASN B 137 13.89 -2.43 -8.61
N VAL B 138 14.89 -2.83 -9.40
CA VAL B 138 14.77 -4.00 -10.28
C VAL B 138 15.63 -5.11 -9.69
N PRO B 139 15.05 -6.21 -9.16
CA PRO B 139 15.84 -7.31 -8.62
C PRO B 139 16.91 -7.82 -9.59
N GLY B 140 18.17 -7.85 -9.13
CA GLY B 140 19.27 -8.41 -9.91
C GLY B 140 19.96 -7.40 -10.83
N LYS B 141 19.49 -6.14 -10.81
CA LYS B 141 20.07 -5.07 -11.62
C LYS B 141 20.66 -3.99 -10.70
N PRO B 142 21.99 -4.00 -10.43
CA PRO B 142 22.62 -2.90 -9.71
C PRO B 142 22.47 -1.57 -10.41
N GLN B 143 22.58 -0.47 -9.65
CA GLN B 143 22.55 0.86 -10.22
C GLN B 143 23.84 1.09 -11.02
N VAL B 144 23.70 1.37 -12.32
CA VAL B 144 24.82 1.53 -13.25
C VAL B 144 25.78 2.59 -12.72
N GLY B 145 25.23 3.70 -12.21
CA GLY B 145 26.00 4.86 -11.77
C GLY B 145 26.98 4.56 -10.62
N TYR B 146 26.82 3.41 -9.94
CA TYR B 146 27.73 3.04 -8.86
C TYR B 146 28.84 2.12 -9.34
N ASP B 147 28.91 1.86 -10.67
CA ASP B 147 30.06 1.20 -11.27
C ASP B 147 30.55 2.08 -12.44
N PHE B 148 31.73 2.70 -12.28
CA PHE B 148 32.21 3.71 -13.20
C PHE B 148 32.71 3.09 -14.51
N ASP B 149 33.13 1.82 -14.48
CA ASP B 149 33.47 1.09 -15.70
C ASP B 149 32.20 0.89 -16.54
N THR B 150 31.14 0.37 -15.90
CA THR B 150 29.85 0.15 -16.55
C THR B 150 29.26 1.48 -17.03
N THR B 151 29.38 2.54 -16.22
CA THR B 151 28.88 3.86 -16.60
C THR B 151 29.57 4.31 -17.89
N ARG B 152 30.90 4.11 -17.98
CA ARG B 152 31.67 4.52 -19.14
C ARG B 152 31.18 3.78 -20.39
N THR B 153 30.90 2.49 -20.26
CA THR B 153 30.42 1.67 -21.38
C THR B 153 29.08 2.20 -21.90
N TYR B 154 28.14 2.47 -20.99
CA TYR B 154 26.82 2.98 -21.37
C TYR B 154 26.95 4.30 -22.13
N LEU B 155 27.77 5.21 -21.59
CA LEU B 155 27.91 6.55 -22.17
C LEU B 155 28.58 6.47 -23.54
N GLN B 156 29.57 5.56 -23.66
CA GLN B 156 30.26 5.30 -24.92
C GLN B 156 29.24 4.85 -25.97
N LYS B 157 28.49 3.79 -25.66
CA LYS B 157 27.64 3.13 -26.62
C LYS B 157 26.43 4.01 -26.98
N VAL B 158 25.89 4.74 -25.99
CA VAL B 158 24.73 5.60 -26.22
C VAL B 158 25.15 6.85 -26.98
N SER B 159 26.31 7.42 -26.63
CA SER B 159 26.84 8.57 -27.36
C SER B 159 26.97 8.24 -28.84
N GLU B 160 27.54 7.05 -29.12
CA GLU B 160 27.79 6.59 -30.47
C GLU B 160 26.48 6.30 -31.21
N ALA B 161 25.53 5.65 -30.53
CA ALA B 161 24.27 5.24 -31.13
C ALA B 161 23.32 6.43 -31.33
N TYR B 162 23.25 7.34 -30.34
CA TYR B 162 22.28 8.43 -30.36
C TYR B 162 22.85 9.61 -31.15
N GLY B 163 24.09 10.01 -30.82
CA GLY B 163 24.85 10.99 -31.57
C GLY B 163 24.28 12.41 -31.48
N LEU B 164 23.45 12.66 -30.46
CA LEU B 164 22.81 13.94 -30.25
C LEU B 164 22.96 14.32 -28.78
N PRO B 165 22.78 15.61 -28.40
CA PRO B 165 22.83 16.00 -26.99
C PRO B 165 21.83 15.24 -26.14
N PHE B 166 22.26 14.77 -24.96
CA PHE B 166 21.38 14.08 -24.03
C PHE B 166 21.83 14.33 -22.59
N GLY B 167 21.02 13.89 -21.63
CA GLY B 167 21.35 14.00 -20.22
C GLY B 167 21.35 12.63 -19.53
N VAL B 168 21.77 12.62 -18.25
CA VAL B 168 21.87 11.41 -17.46
C VAL B 168 21.24 11.65 -16.09
N LYS B 169 20.43 10.68 -15.63
CA LYS B 169 19.88 10.65 -14.29
C LYS B 169 20.83 9.83 -13.41
N MET B 170 21.45 10.48 -12.43
CA MET B 170 22.52 9.88 -11.65
C MET B 170 22.00 9.44 -10.29
N PRO B 171 22.57 8.38 -9.68
CA PRO B 171 22.28 8.05 -8.30
C PRO B 171 22.99 9.02 -7.37
N PRO B 172 22.51 9.24 -6.12
CA PRO B 172 23.22 10.11 -5.20
C PRO B 172 24.57 9.54 -4.77
N TYR B 173 25.61 10.39 -4.71
CA TYR B 173 26.90 10.01 -4.16
C TYR B 173 27.08 10.67 -2.80
N PHE B 174 27.92 10.04 -1.96
CA PHE B 174 28.07 10.40 -0.56
C PHE B 174 29.54 10.51 -0.15
N ASP B 175 30.44 10.55 -1.15
CA ASP B 175 31.87 10.49 -0.92
C ASP B 175 32.55 11.40 -1.95
N ILE B 176 33.48 12.25 -1.49
CA ILE B 176 34.15 13.22 -2.35
C ILE B 176 34.82 12.50 -3.52
N ALA B 177 35.49 11.38 -3.23
CA ALA B 177 36.22 10.63 -4.24
C ALA B 177 35.27 10.14 -5.35
N HIS B 178 34.01 9.85 -4.99
CA HIS B 178 33.01 9.40 -5.94
C HIS B 178 32.52 10.56 -6.82
N PHE B 179 32.36 11.74 -6.23
CA PHE B 179 32.04 12.95 -7.01
C PHE B 179 33.10 13.15 -8.09
N ASP B 180 34.38 12.99 -7.69
CA ASP B 180 35.52 13.16 -8.58
C ASP B 180 35.52 12.13 -9.70
N MET B 181 35.37 10.85 -9.34
CA MET B 181 35.41 9.75 -10.30
C MET B 181 34.24 9.84 -11.27
N ALA B 182 33.05 10.17 -10.75
CA ALA B 182 31.84 10.30 -11.57
C ALA B 182 32.01 11.43 -12.59
N ALA B 183 32.54 12.57 -12.12
CA ALA B 183 32.76 13.74 -12.96
C ALA B 183 33.79 13.44 -14.04
N ALA B 184 34.81 12.65 -13.70
CA ALA B 184 35.88 12.32 -14.63
C ALA B 184 35.32 11.48 -15.80
N VAL B 185 34.38 10.58 -15.52
CA VAL B 185 33.73 9.78 -16.55
C VAL B 185 32.83 10.69 -17.39
N LEU B 186 31.95 11.45 -16.73
CA LEU B 186 31.00 12.31 -17.41
C LEU B 186 31.71 13.29 -18.34
N ASN B 187 32.86 13.82 -17.90
CA ASN B 187 33.56 14.86 -18.64
C ASN B 187 34.25 14.31 -19.89
N ASP B 188 34.27 12.97 -20.06
CA ASP B 188 34.82 12.35 -21.26
C ASP B 188 33.78 12.24 -22.37
N PHE B 189 32.52 12.65 -22.10
CA PHE B 189 31.43 12.49 -23.05
C PHE B 189 30.77 13.85 -23.34
N PRO B 190 31.21 14.56 -24.40
CA PRO B 190 30.69 15.90 -24.72
C PRO B 190 29.21 15.97 -25.07
N LEU B 191 28.60 14.86 -25.51
CA LEU B 191 27.19 14.85 -25.87
C LEU B 191 26.32 14.85 -24.61
N VAL B 192 26.90 14.54 -23.44
CA VAL B 192 26.17 14.64 -22.18
C VAL B 192 26.13 16.11 -21.78
N LYS B 193 24.97 16.75 -22.01
CA LYS B 193 24.82 18.19 -21.83
C LYS B 193 24.19 18.53 -20.48
N PHE B 194 23.53 17.55 -19.83
CA PHE B 194 22.98 17.80 -18.51
C PHE B 194 23.09 16.55 -17.64
N ILE B 195 23.16 16.79 -16.33
CA ILE B 195 23.23 15.77 -15.29
C ILE B 195 22.07 16.03 -14.33
N THR B 196 21.19 15.05 -14.13
CA THR B 196 20.12 15.18 -13.16
C THR B 196 20.56 14.53 -11.84
N CYS B 197 20.66 15.36 -10.80
CA CYS B 197 20.97 14.96 -9.44
C CYS B 197 19.76 15.27 -8.56
N VAL B 198 19.09 14.26 -7.97
CA VAL B 198 19.51 12.87 -7.86
C VAL B 198 18.30 11.96 -7.99
N ASN B 199 18.55 10.66 -8.22
CA ASN B 199 17.54 9.63 -8.10
CA ASN B 199 17.55 9.62 -8.10
C ASN B 199 17.30 9.37 -6.60
N SER B 200 16.36 8.48 -6.28
CA SER B 200 16.05 8.10 -4.92
C SER B 200 17.32 7.74 -4.15
N ILE B 201 17.31 7.98 -2.83
CA ILE B 201 18.28 7.36 -1.94
C ILE B 201 17.91 5.88 -1.85
N GLY B 202 18.76 5.04 -2.46
CA GLY B 202 18.40 3.65 -2.75
C GLY B 202 18.32 2.78 -1.51
N ASN B 203 17.39 1.82 -1.54
CA ASN B 203 17.42 0.63 -0.68
C ASN B 203 17.35 1.02 0.80
N GLY B 204 16.41 1.92 1.14
CA GLY B 204 16.00 2.15 2.51
C GLY B 204 14.94 1.13 2.94
N LEU B 205 14.63 1.12 4.25
CA LEU B 205 13.69 0.17 4.82
C LEU B 205 12.79 0.89 5.82
N VAL B 206 11.47 0.76 5.63
CA VAL B 206 10.49 1.29 6.58
C VAL B 206 9.74 0.11 7.18
N ILE B 207 9.61 0.13 8.52
CA ILE B 207 8.93 -0.92 9.26
C ILE B 207 7.81 -0.28 10.09
N ASP B 208 6.62 -0.90 10.04
CA ASP B 208 5.48 -0.48 10.84
C ASP B 208 5.61 -1.09 12.23
N PRO B 209 5.73 -0.28 13.31
CA PRO B 209 5.87 -0.80 14.67
C PRO B 209 4.64 -1.56 15.17
N ALA B 210 3.45 -1.24 14.64
CA ALA B 210 2.20 -1.86 15.06
C ALA B 210 2.18 -3.36 14.75
N ASN B 211 2.53 -3.74 13.51
CA ASN B 211 2.42 -5.13 13.08
C ASN B 211 3.81 -5.76 12.84
N GLU B 212 4.89 -5.00 13.14
CA GLU B 212 6.25 -5.50 13.06
C GLU B 212 6.59 -5.98 11.65
N THR B 213 6.00 -5.33 10.64
CA THR B 213 6.11 -5.74 9.24
C THR B 213 6.59 -4.56 8.39
N VAL B 214 7.36 -4.87 7.33
CA VAL B 214 7.78 -3.88 6.34
C VAL B 214 6.55 -3.40 5.57
N VAL B 215 6.63 -2.20 4.96
CA VAL B 215 5.47 -1.55 4.39
C VAL B 215 5.36 -1.80 2.88
N ILE B 216 6.43 -2.33 2.23
CA ILE B 216 6.35 -2.70 0.82
C ILE B 216 6.77 -4.16 0.65
N LYS B 217 6.21 -4.82 -0.38
CA LYS B 217 6.36 -6.26 -0.59
C LYS B 217 7.69 -6.61 -1.26
N PRO B 218 8.10 -5.93 -2.36
CA PRO B 218 9.32 -6.30 -3.07
C PRO B 218 10.58 -6.20 -2.24
N LYS B 219 11.56 -7.07 -2.53
CA LYS B 219 12.92 -6.95 -2.01
C LYS B 219 12.93 -6.87 -0.48
N GLN B 220 12.06 -7.64 0.17
CA GLN B 220 12.01 -7.74 1.63
C GLN B 220 11.85 -6.36 2.27
N GLY B 221 11.16 -5.45 1.57
CA GLY B 221 10.80 -4.15 2.13
C GLY B 221 11.73 -3.02 1.69
N PHE B 222 12.78 -3.34 0.91
CA PHE B 222 13.78 -2.35 0.53
C PHE B 222 13.29 -1.55 -0.67
N GLY B 223 13.32 -0.22 -0.56
CA GLY B 223 12.85 0.67 -1.61
C GLY B 223 13.56 2.01 -1.61
N GLY B 224 13.45 2.74 -2.73
CA GLY B 224 14.02 4.08 -2.88
C GLY B 224 13.26 5.11 -2.06
N LEU B 225 14.01 5.97 -1.36
CA LEU B 225 13.46 7.06 -0.54
C LEU B 225 13.43 8.35 -1.35
N GLY B 226 12.31 9.05 -1.29
CA GLY B 226 12.16 10.39 -1.86
C GLY B 226 11.58 11.35 -0.82
N GLY B 227 11.60 12.65 -1.14
CA GLY B 227 10.97 13.68 -0.32
C GLY B 227 11.97 14.35 0.61
N LYS B 228 11.52 14.68 1.83
CA LYS B 228 12.26 15.51 2.76
C LYS B 228 13.58 14.83 3.16
N TYR B 229 13.61 13.48 3.07
CA TYR B 229 14.81 12.70 3.38
C TYR B 229 16.00 13.13 2.51
N VAL B 230 15.76 13.62 1.28
CA VAL B 230 16.79 13.63 0.26
C VAL B 230 17.31 15.04 -0.05
N LEU B 231 16.73 16.11 0.53
CA LEU B 231 17.06 17.47 0.13
C LEU B 231 18.57 17.74 0.29
N PRO B 232 19.18 17.59 1.50
CA PRO B 232 20.61 17.88 1.64
C PRO B 232 21.51 17.06 0.71
N THR B 233 21.16 15.79 0.47
CA THR B 233 21.90 14.95 -0.47
C THR B 233 21.77 15.53 -1.89
N ALA B 234 20.55 15.93 -2.26
CA ALA B 234 20.28 16.44 -3.60
C ALA B 234 21.06 17.72 -3.85
N LEU B 235 21.04 18.64 -2.88
CA LEU B 235 21.72 19.93 -3.00
C LEU B 235 23.23 19.72 -3.13
N ALA B 236 23.78 18.78 -2.36
CA ALA B 236 25.19 18.46 -2.38
C ALA B 236 25.62 17.93 -3.76
N ASN B 237 24.83 17.01 -4.31
CA ASN B 237 25.12 16.42 -5.61
C ASN B 237 25.01 17.49 -6.69
N VAL B 238 23.96 18.32 -6.65
CA VAL B 238 23.80 19.39 -7.61
C VAL B 238 25.05 20.29 -7.61
N ASN B 239 25.50 20.70 -6.42
CA ASN B 239 26.59 21.66 -6.29
C ASN B 239 27.92 21.02 -6.70
N ALA B 240 28.13 19.76 -6.31
CA ALA B 240 29.37 19.05 -6.60
C ALA B 240 29.61 18.94 -8.10
N PHE B 241 28.56 18.61 -8.87
CA PHE B 241 28.66 18.43 -10.30
C PHE B 241 28.62 19.77 -11.03
N PHE B 242 27.89 20.74 -10.49
CA PHE B 242 27.89 22.10 -11.03
C PHE B 242 29.32 22.61 -11.12
N ARG B 243 30.12 22.36 -10.07
CA ARG B 243 31.49 22.85 -9.99
C ARG B 243 32.43 21.97 -10.82
N ARG B 244 32.18 20.66 -10.85
CA ARG B 244 33.11 19.72 -11.47
C ARG B 244 32.88 19.60 -12.97
N CYS B 245 31.68 19.95 -13.45
CA CYS B 245 31.30 19.76 -14.84
C CYS B 245 30.84 21.09 -15.45
N PRO B 246 31.75 22.09 -15.60
CA PRO B 246 31.37 23.40 -16.10
C PRO B 246 30.88 23.43 -17.55
N ASP B 247 31.22 22.38 -18.33
CA ASP B 247 30.78 22.26 -19.72
C ASP B 247 29.35 21.69 -19.80
N LYS B 248 28.70 21.43 -18.66
CA LYS B 248 27.40 20.78 -18.63
C LYS B 248 26.41 21.55 -17.76
N LEU B 249 25.12 21.34 -18.02
CA LEU B 249 24.04 21.78 -17.14
C LEU B 249 23.86 20.76 -16.01
N VAL B 250 23.27 21.21 -14.90
CA VAL B 250 22.82 20.30 -13.84
C VAL B 250 21.32 20.55 -13.62
N PHE B 251 20.55 19.45 -13.54
CA PHE B 251 19.15 19.49 -13.15
C PHE B 251 19.05 19.02 -11.70
N GLY B 252 18.25 19.71 -10.89
CA GLY B 252 18.04 19.36 -9.51
C GLY B 252 16.79 18.50 -9.34
N CYS B 253 16.91 17.44 -8.53
CA CYS B 253 15.79 16.57 -8.19
C CYS B 253 16.00 16.03 -6.78
N GLY B 254 15.02 16.26 -5.89
CA GLY B 254 15.06 15.73 -4.53
C GLY B 254 14.62 16.77 -3.49
N GLY B 255 13.51 16.47 -2.80
CA GLY B 255 13.11 17.19 -1.61
C GLY B 255 12.42 18.53 -1.90
N VAL B 256 11.96 18.75 -3.14
CA VAL B 256 11.30 20.00 -3.49
C VAL B 256 9.81 19.90 -3.12
N TYR B 257 9.38 20.74 -2.16
CA TYR B 257 7.98 20.84 -1.75
C TYR B 257 7.48 22.28 -1.88
N SER B 258 8.38 23.22 -2.16
CA SER B 258 8.09 24.65 -2.09
C SER B 258 9.08 25.43 -2.95
N GLY B 259 8.75 26.70 -3.21
CA GLY B 259 9.64 27.62 -3.91
C GLY B 259 10.98 27.78 -3.19
N GLU B 260 10.97 27.65 -1.85
CA GLU B 260 12.19 27.76 -1.06
C GLU B 260 13.18 26.66 -1.44
N GLU B 261 12.72 25.40 -1.54
CA GLU B 261 13.60 24.30 -1.91
C GLU B 261 14.05 24.46 -3.37
N ALA B 262 13.16 24.96 -4.23
CA ALA B 262 13.49 25.25 -5.62
C ALA B 262 14.60 26.30 -5.68
N PHE B 263 14.45 27.37 -4.90
CA PHE B 263 15.44 28.44 -4.82
C PHE B 263 16.80 27.87 -4.42
N LEU B 264 16.82 26.96 -3.43
CA LEU B 264 18.06 26.38 -2.94
C LEU B 264 18.73 25.53 -4.03
N HIS B 265 17.93 24.74 -4.76
CA HIS B 265 18.43 23.92 -5.85
C HIS B 265 19.13 24.79 -6.91
N ILE B 266 18.49 25.92 -7.27
CA ILE B 266 19.00 26.81 -8.29
C ILE B 266 20.26 27.52 -7.79
N LEU B 267 20.24 27.95 -6.52
CA LEU B 267 21.40 28.54 -5.87
C LEU B 267 22.58 27.56 -5.88
N ALA B 268 22.28 26.26 -5.76
CA ALA B 268 23.28 25.21 -5.77
C ALA B 268 23.85 24.96 -7.18
N GLY B 269 23.06 25.27 -8.22
CA GLY B 269 23.54 25.17 -9.59
C GLY B 269 22.50 24.69 -10.61
N ALA B 270 21.25 24.43 -10.17
CA ALA B 270 20.26 23.75 -11.00
C ALA B 270 19.72 24.66 -12.10
N SER B 271 19.55 24.09 -13.30
CA SER B 271 18.87 24.74 -14.41
C SER B 271 17.38 24.41 -14.40
N MET B 272 17.04 23.12 -14.44
CA MET B 272 15.67 22.67 -14.26
C MET B 272 15.55 22.05 -12.86
N VAL B 273 14.34 22.07 -12.31
CA VAL B 273 14.06 21.55 -10.97
C VAL B 273 12.93 20.52 -11.10
N GLN B 274 13.17 19.29 -10.66
CA GLN B 274 12.21 18.21 -10.80
C GLN B 274 11.51 17.94 -9.47
N VAL B 275 10.22 17.56 -9.55
CA VAL B 275 9.37 17.36 -8.39
C VAL B 275 8.79 15.95 -8.45
N GLY B 276 9.14 15.11 -7.45
CA GLY B 276 8.70 13.73 -7.39
C GLY B 276 7.63 13.52 -6.32
N THR B 277 8.07 13.21 -5.09
CA THR B 277 7.19 12.84 -3.99
C THR B 277 6.10 13.90 -3.79
N ALA B 278 6.48 15.19 -3.80
CA ALA B 278 5.54 16.26 -3.53
C ALA B 278 4.44 16.30 -4.57
N LEU B 279 4.79 16.00 -5.84
CA LEU B 279 3.84 15.95 -6.93
C LEU B 279 2.91 14.75 -6.77
N HIS B 280 3.47 13.61 -6.36
CA HIS B 280 2.69 12.40 -6.12
C HIS B 280 1.63 12.65 -5.04
N ASP B 281 1.99 13.47 -4.04
CA ASP B 281 1.11 13.77 -2.93
C ASP B 281 0.03 14.78 -3.32
N GLU B 282 0.40 15.84 -4.05
CA GLU B 282 -0.47 17.00 -4.21
C GLU B 282 -1.17 17.04 -5.57
N GLY B 283 -0.60 16.41 -6.59
CA GLY B 283 -1.15 16.51 -7.94
C GLY B 283 -0.52 17.68 -8.71
N PRO B 284 -0.76 17.78 -10.04
CA PRO B 284 -0.08 18.77 -10.88
C PRO B 284 -0.38 20.25 -10.55
N ILE B 285 -1.36 20.50 -9.69
CA ILE B 285 -1.63 21.86 -9.24
C ILE B 285 -0.42 22.44 -8.51
N ILE B 286 0.47 21.56 -8.01
CA ILE B 286 1.66 22.00 -7.28
C ILE B 286 2.48 22.98 -8.12
N PHE B 287 2.48 22.82 -9.46
CA PHE B 287 3.32 23.64 -10.33
C PHE B 287 2.88 25.11 -10.31
N ALA B 288 1.58 25.36 -10.23
CA ALA B 288 1.07 26.72 -10.10
C ALA B 288 1.60 27.36 -8.82
N ARG B 289 1.61 26.58 -7.73
CA ARG B 289 2.07 27.02 -6.42
C ARG B 289 3.57 27.30 -6.44
N LEU B 290 4.35 26.40 -7.04
CA LEU B 290 5.80 26.52 -7.09
C LEU B 290 6.23 27.79 -7.83
N ASN B 291 5.59 28.08 -8.96
CA ASN B 291 5.87 29.28 -9.74
C ASN B 291 5.65 30.52 -8.88
N LYS B 292 4.51 30.59 -8.18
CA LYS B 292 4.15 31.73 -7.34
C LYS B 292 5.20 31.91 -6.24
N GLU B 293 5.58 30.81 -5.57
CA GLU B 293 6.45 30.88 -4.41
C GLU B 293 7.87 31.32 -4.81
N LEU B 294 8.37 30.81 -5.95
CA LEU B 294 9.70 31.14 -6.42
C LEU B 294 9.74 32.62 -6.85
N GLN B 295 8.70 33.09 -7.53
CA GLN B 295 8.55 34.49 -7.91
C GLN B 295 8.64 35.39 -6.67
N GLU B 296 7.94 34.99 -5.59
CA GLU B 296 7.90 35.78 -4.37
C GLU B 296 9.30 35.95 -3.78
N ILE B 297 10.08 34.85 -3.76
CA ILE B 297 11.43 34.88 -3.20
C ILE B 297 12.31 35.80 -4.03
N MET B 298 12.23 35.68 -5.36
CA MET B 298 13.04 36.48 -6.27
C MET B 298 12.69 37.96 -6.13
N THR B 299 11.38 38.25 -6.06
CA THR B 299 10.89 39.61 -5.83
C THR B 299 11.49 40.16 -4.54
N ASN B 300 11.47 39.38 -3.46
CA ASN B 300 11.96 39.81 -2.16
C ASN B 300 13.46 40.11 -2.21
N LYS B 301 14.22 39.32 -2.98
CA LYS B 301 15.66 39.41 -3.02
C LYS B 301 16.15 40.33 -4.16
N GLY B 302 15.22 40.74 -5.03
CA GLY B 302 15.53 41.66 -6.12
C GLY B 302 16.24 40.97 -7.29
N TYR B 303 16.07 39.65 -7.42
CA TYR B 303 16.58 38.91 -8.57
C TYR B 303 15.59 39.02 -9.72
N LYS B 304 16.08 39.46 -10.89
CA LYS B 304 15.24 39.66 -12.07
C LYS B 304 15.15 38.37 -12.89
N THR B 305 16.20 37.53 -12.83
CA THR B 305 16.26 36.27 -13.56
C THR B 305 16.95 35.22 -12.69
N LEU B 306 16.80 33.95 -13.07
CA LEU B 306 17.42 32.83 -12.38
C LEU B 306 18.94 32.88 -12.55
N ASP B 307 19.38 33.45 -13.68
CA ASP B 307 20.78 33.53 -14.06
C ASP B 307 21.55 34.43 -13.09
N GLU B 308 20.85 35.32 -12.38
CA GLU B 308 21.49 36.22 -11.43
C GLU B 308 22.00 35.48 -10.20
N PHE B 309 21.44 34.30 -9.89
CA PHE B 309 21.84 33.59 -8.67
C PHE B 309 22.10 32.10 -8.88
N ARG B 310 21.91 31.55 -10.08
CA ARG B 310 22.16 30.14 -10.31
C ARG B 310 23.62 29.81 -9.97
N GLY B 311 23.81 28.85 -9.05
CA GLY B 311 25.15 28.37 -8.70
C GLY B 311 25.96 29.39 -7.91
N ARG B 312 25.30 30.38 -7.30
CA ARG B 312 25.99 31.45 -6.59
C ARG B 312 25.84 31.29 -5.08
N VAL B 313 25.67 30.03 -4.62
CA VAL B 313 25.67 29.71 -3.20
C VAL B 313 26.97 30.21 -2.59
N LYS B 314 26.87 30.85 -1.41
CA LYS B 314 28.02 31.40 -0.71
C LYS B 314 28.58 30.37 0.28
N THR B 315 29.92 30.27 0.33
CA THR B 315 30.63 29.48 1.33
C THR B 315 31.32 30.43 2.30
N MET B 316 31.86 29.89 3.40
CA MET B 316 32.44 30.70 4.47
C MET B 316 33.98 30.68 4.38
N MET C 5 -6.51 -42.87 -1.79
CA MET C 5 -6.64 -41.41 -1.53
C MET C 5 -6.13 -40.63 -2.75
N SER C 6 -6.99 -39.78 -3.33
CA SER C 6 -6.68 -39.06 -4.55
C SER C 6 -7.43 -37.72 -4.60
N LEU C 7 -6.69 -36.64 -4.97
CA LEU C 7 -7.25 -35.31 -5.17
C LEU C 7 -7.46 -35.05 -6.67
N LYS C 8 -7.28 -36.08 -7.50
CA LYS C 8 -7.30 -35.90 -8.96
C LYS C 8 -8.68 -35.41 -9.41
N VAL C 9 -8.66 -34.57 -10.45
CA VAL C 9 -9.84 -34.06 -11.13
C VAL C 9 -9.64 -34.31 -12.63
N ASN C 10 -10.60 -34.99 -13.26
CA ASN C 10 -10.52 -35.32 -14.68
C ASN C 10 -11.64 -34.59 -15.42
N ILE C 11 -11.33 -33.41 -15.96
CA ILE C 11 -12.29 -32.56 -16.66
C ILE C 11 -11.62 -31.93 -17.88
N LEU C 12 -12.44 -31.53 -18.86
CA LEU C 12 -12.02 -30.76 -20.03
C LEU C 12 -10.92 -31.48 -20.81
N GLY C 13 -10.84 -32.81 -20.64
CA GLY C 13 -9.87 -33.64 -21.34
C GLY C 13 -8.46 -33.54 -20.76
N HIS C 14 -8.34 -33.19 -19.47
CA HIS C 14 -7.06 -33.19 -18.77
C HIS C 14 -7.17 -33.92 -17.43
N GLU C 15 -6.03 -34.42 -16.94
CA GLU C 15 -5.90 -34.92 -15.58
C GLU C 15 -5.22 -33.87 -14.73
N PHE C 16 -5.94 -33.34 -13.73
CA PHE C 16 -5.40 -32.40 -12.77
C PHE C 16 -4.99 -33.18 -11.51
N SER C 17 -3.76 -32.95 -11.04
CA SER C 17 -3.22 -33.65 -9.87
C SER C 17 -4.04 -33.34 -8.62
N ASN C 18 -4.65 -32.15 -8.58
CA ASN C 18 -5.47 -31.70 -7.47
C ASN C 18 -6.35 -30.57 -7.96
N PRO C 19 -7.40 -30.14 -7.22
CA PRO C 19 -8.32 -29.12 -7.71
C PRO C 19 -7.85 -27.67 -7.61
N PHE C 20 -6.61 -27.43 -7.15
CA PHE C 20 -6.19 -26.09 -6.76
C PHE C 20 -5.48 -25.37 -7.92
N MET C 21 -5.73 -24.06 -7.99
CA MET C 21 -5.04 -23.16 -8.92
C MET C 21 -5.11 -21.74 -8.34
N ASN C 22 -4.33 -20.81 -8.90
CA ASN C 22 -4.44 -19.40 -8.56
C ASN C 22 -5.73 -18.85 -9.13
N ALA C 23 -6.28 -17.82 -8.46
CA ALA C 23 -7.30 -16.97 -9.04
C ALA C 23 -6.65 -16.05 -10.05
N ALA C 24 -7.32 -15.76 -11.16
CA ALA C 24 -6.81 -14.83 -12.16
C ALA C 24 -6.40 -13.53 -11.46
N GLY C 25 -5.22 -13.01 -11.81
CA GLY C 25 -4.73 -11.74 -11.30
C GLY C 25 -3.70 -11.88 -10.18
N VAL C 26 -3.64 -13.06 -9.53
CA VAL C 26 -2.72 -13.28 -8.43
C VAL C 26 -1.61 -14.25 -8.89
N LEU C 27 -0.36 -13.80 -8.74
CA LEU C 27 0.85 -14.53 -9.11
C LEU C 27 0.74 -15.08 -10.53
N CYS C 28 0.46 -14.20 -11.51
CA CYS C 28 0.30 -14.67 -12.88
C CYS C 28 0.42 -13.57 -13.94
N THR C 29 1.03 -12.42 -13.63
CA THR C 29 1.13 -11.32 -14.57
C THR C 29 2.40 -11.46 -15.43
N THR C 30 3.53 -11.82 -14.80
CA THR C 30 4.83 -11.87 -15.47
C THR C 30 5.23 -13.32 -15.73
N GLU C 31 6.24 -13.50 -16.59
CA GLU C 31 6.84 -14.81 -16.86
C GLU C 31 7.32 -15.44 -15.55
N GLU C 32 7.91 -14.63 -14.67
CA GLU C 32 8.43 -15.08 -13.39
C GLU C 32 7.29 -15.60 -12.52
N ASP C 33 6.20 -14.83 -12.42
CA ASP C 33 5.01 -15.22 -11.66
C ASP C 33 4.54 -16.60 -12.11
N LEU C 34 4.47 -16.81 -13.44
CA LEU C 34 3.91 -18.00 -14.05
C LEU C 34 4.83 -19.20 -13.81
N ARG C 35 6.15 -18.98 -13.84
CA ARG C 35 7.13 -20.00 -13.51
C ARG C 35 6.89 -20.49 -12.08
N ARG C 36 6.66 -19.55 -11.15
CA ARG C 36 6.49 -19.87 -9.74
C ARG C 36 5.20 -20.68 -9.52
N MET C 37 4.13 -20.33 -10.24
CA MET C 37 2.89 -21.10 -10.19
C MET C 37 3.11 -22.50 -10.76
N THR C 38 3.87 -22.61 -11.86
CA THR C 38 4.13 -23.89 -12.50
C THR C 38 4.94 -24.80 -11.58
N GLU C 39 5.89 -24.21 -10.83
CA GLU C 39 6.76 -24.97 -9.94
C GLU C 39 6.04 -25.36 -8.65
N SER C 40 4.93 -24.67 -8.33
CA SER C 40 4.15 -24.95 -7.13
C SER C 40 3.47 -26.32 -7.24
N GLU C 41 2.81 -26.73 -6.14
CA GLU C 41 2.08 -27.99 -6.08
C GLU C 41 0.66 -27.84 -6.63
N SER C 42 0.30 -26.65 -7.14
CA SER C 42 -1.02 -26.41 -7.70
C SER C 42 -1.32 -27.38 -8.83
N GLY C 43 -2.58 -27.82 -8.92
CA GLY C 43 -3.05 -28.64 -10.01
C GLY C 43 -3.07 -27.91 -11.35
N SER C 44 -3.23 -26.57 -11.32
CA SER C 44 -3.23 -25.77 -12.54
C SER C 44 -2.83 -24.32 -12.23
N LEU C 45 -2.88 -23.48 -13.27
CA LEU C 45 -2.64 -22.04 -13.14
C LEU C 45 -3.39 -21.30 -14.26
N ILE C 46 -3.66 -20.02 -14.03
CA ILE C 46 -4.34 -19.15 -14.99
C ILE C 46 -3.56 -17.83 -15.10
N GLY C 47 -3.37 -17.34 -16.33
CA GLY C 47 -2.72 -16.07 -16.58
C GLY C 47 -3.60 -14.88 -16.17
N LYS C 48 -2.95 -13.75 -15.90
CA LYS C 48 -3.62 -12.48 -15.64
C LYS C 48 -4.61 -12.17 -16.75
N SER C 49 -5.79 -11.63 -16.39
CA SER C 49 -6.75 -11.14 -17.37
C SER C 49 -6.05 -10.14 -18.29
N CYS C 50 -5.99 -10.43 -19.59
CA CYS C 50 -5.21 -9.61 -20.51
C CYS C 50 -6.12 -8.79 -21.43
N THR C 51 -5.52 -7.76 -22.03
CA THR C 51 -6.15 -6.90 -23.03
C THR C 51 -5.34 -7.00 -24.32
N LEU C 52 -5.85 -6.40 -25.40
CA LEU C 52 -5.20 -6.48 -26.70
C LEU C 52 -3.82 -5.83 -26.61
N ALA C 53 -3.78 -4.62 -26.02
CA ALA C 53 -2.55 -3.86 -25.82
C ALA C 53 -2.11 -3.97 -24.37
N PRO C 54 -0.80 -3.85 -24.06
CA PRO C 54 -0.33 -3.81 -22.67
C PRO C 54 -0.94 -2.68 -21.85
N ARG C 55 -1.04 -2.89 -20.53
CA ARG C 55 -1.53 -1.90 -19.60
C ARG C 55 -0.62 -1.87 -18.37
N THR C 56 -0.37 -0.68 -17.82
CA THR C 56 0.36 -0.51 -16.56
C THR C 56 -0.63 -0.45 -15.39
N GLY C 57 -1.92 -0.20 -15.69
CA GLY C 57 -2.95 -0.21 -14.67
C GLY C 57 -3.03 1.11 -13.90
N ASN C 58 -3.66 1.06 -12.72
CA ASN C 58 -4.01 2.25 -11.95
C ASN C 58 -2.80 2.73 -11.16
N PRO C 59 -2.80 4.04 -10.75
CA PRO C 59 -1.76 4.57 -9.88
C PRO C 59 -1.87 4.09 -8.44
N GLU C 60 -0.82 4.32 -7.65
CA GLU C 60 -0.67 3.77 -6.30
C GLU C 60 -1.16 4.69 -5.19
N PRO C 61 -1.57 4.16 -4.01
CA PRO C 61 -1.77 2.73 -3.80
C PRO C 61 -3.05 2.18 -4.43
N ARG C 62 -2.98 0.96 -4.98
CA ARG C 62 -4.10 0.32 -5.66
C ARG C 62 -4.46 -1.04 -5.04
N TYR C 63 -3.76 -1.44 -3.98
CA TYR C 63 -4.01 -2.68 -3.27
C TYR C 63 -3.77 -2.46 -1.79
N PHE C 64 -4.66 -3.00 -0.94
CA PHE C 64 -4.50 -2.91 0.51
C PHE C 64 -4.92 -4.24 1.15
N GLY C 65 -3.97 -4.89 1.82
CA GLY C 65 -4.25 -6.08 2.62
C GLY C 65 -5.01 -5.72 3.90
N LEU C 66 -6.07 -6.49 4.19
CA LEU C 66 -6.94 -6.25 5.33
C LEU C 66 -6.87 -7.45 6.28
N PRO C 67 -7.23 -7.29 7.57
CA PRO C 67 -7.39 -8.44 8.46
C PRO C 67 -8.28 -9.53 7.88
N LEU C 68 -9.38 -9.15 7.22
CA LEU C 68 -10.38 -10.09 6.72
C LEU C 68 -10.25 -10.33 5.21
N GLY C 69 -9.21 -9.76 4.56
CA GLY C 69 -9.01 -10.05 3.14
C GLY C 69 -8.21 -8.97 2.43
N SER C 70 -8.77 -8.46 1.31
CA SER C 70 -8.09 -7.51 0.44
C SER C 70 -9.10 -6.56 -0.20
N ILE C 71 -8.62 -5.36 -0.56
CA ILE C 71 -9.32 -4.46 -1.47
C ILE C 71 -8.32 -4.05 -2.55
N ASN C 72 -8.78 -4.01 -3.81
CA ASN C 72 -7.90 -3.69 -4.93
C ASN C 72 -8.67 -2.93 -6.01
N SER C 73 -7.92 -2.07 -6.70
CA SER C 73 -8.33 -1.49 -7.97
C SER C 73 -7.11 -1.46 -8.89
N MET C 74 -6.64 -2.66 -9.26
CA MET C 74 -5.38 -2.83 -9.98
C MET C 74 -5.47 -2.13 -11.35
N GLY C 75 -6.60 -2.29 -12.04
CA GLY C 75 -6.83 -1.66 -13.33
C GLY C 75 -6.32 -2.48 -14.51
N LEU C 76 -6.33 -3.81 -14.36
CA LEU C 76 -5.92 -4.75 -15.40
C LEU C 76 -4.52 -4.44 -15.90
N PRO C 77 -3.49 -4.35 -15.01
CA PRO C 77 -2.11 -4.31 -15.46
C PRO C 77 -1.71 -5.63 -16.10
N ASN C 78 -1.27 -5.61 -17.37
CA ASN C 78 -0.98 -6.85 -18.07
C ASN C 78 -0.03 -6.56 -19.23
N LEU C 79 0.70 -7.61 -19.67
CA LEU C 79 1.72 -7.48 -20.69
C LEU C 79 1.15 -7.62 -22.10
N GLY C 80 -0.19 -7.64 -22.23
CA GLY C 80 -0.86 -7.71 -23.53
C GLY C 80 -1.05 -9.16 -23.97
N VAL C 81 -2.04 -9.39 -24.84
CA VAL C 81 -2.45 -10.75 -25.21
C VAL C 81 -1.28 -11.52 -25.81
N ASP C 82 -0.46 -10.86 -26.64
CA ASP C 82 0.61 -11.53 -27.37
C ASP C 82 1.61 -12.17 -26.39
N PHE C 83 1.86 -11.52 -25.26
CA PHE C 83 2.75 -12.05 -24.25
C PHE C 83 2.21 -13.39 -23.72
N TYR C 84 0.93 -13.43 -23.35
CA TYR C 84 0.34 -14.60 -22.71
C TYR C 84 0.19 -15.74 -23.73
N LEU C 85 -0.13 -15.40 -24.98
CA LEU C 85 -0.22 -16.38 -26.05
C LEU C 85 1.16 -17.01 -26.30
N SER C 86 2.20 -16.16 -26.27
CA SER C 86 3.57 -16.60 -26.45
C SER C 86 3.99 -17.53 -25.31
N TYR C 87 3.58 -17.18 -24.09
CA TYR C 87 3.83 -18.04 -22.93
C TYR C 87 3.15 -19.39 -23.12
N ALA C 88 1.90 -19.37 -23.59
CA ALA C 88 1.11 -20.58 -23.79
C ALA C 88 1.72 -21.46 -24.87
N ALA C 89 2.26 -20.83 -25.93
CA ALA C 89 2.70 -21.53 -27.13
C ALA C 89 4.14 -22.05 -26.99
N GLN C 90 4.99 -21.36 -26.22
CA GLN C 90 6.43 -21.63 -26.22
C GLN C 90 6.96 -21.99 -24.83
N THR C 91 6.55 -21.25 -23.79
CA THR C 91 7.24 -21.29 -22.49
C THR C 91 6.68 -22.37 -21.59
N HIS C 92 5.35 -22.42 -21.42
CA HIS C 92 4.74 -23.22 -20.37
C HIS C 92 5.08 -24.71 -20.53
N ASP C 93 5.39 -25.36 -19.39
CA ASP C 93 5.62 -26.79 -19.32
C ASP C 93 4.29 -27.50 -19.05
N TYR C 94 3.66 -28.01 -20.11
CA TYR C 94 2.37 -28.70 -20.02
C TYR C 94 2.53 -30.07 -19.36
N SER C 95 3.76 -30.60 -19.29
CA SER C 95 4.01 -31.85 -18.59
C SER C 95 3.85 -31.66 -17.08
N ARG C 96 3.97 -30.42 -16.59
CA ARG C 96 3.76 -30.10 -15.19
C ARG C 96 2.26 -30.04 -14.88
N LYS C 97 1.53 -29.19 -15.63
CA LYS C 97 0.10 -29.00 -15.38
C LYS C 97 -0.53 -28.27 -16.56
N PRO C 98 -1.86 -28.38 -16.77
CA PRO C 98 -2.57 -27.59 -17.78
C PRO C 98 -2.55 -26.10 -17.48
N LEU C 99 -2.72 -25.27 -18.53
CA LEU C 99 -2.70 -23.83 -18.41
C LEU C 99 -4.04 -23.25 -18.86
N PHE C 100 -4.57 -22.31 -18.07
CA PHE C 100 -5.68 -21.44 -18.46
C PHE C 100 -5.14 -20.05 -18.78
N LEU C 101 -5.80 -19.34 -19.71
CA LEU C 101 -5.58 -17.92 -19.94
C LEU C 101 -6.90 -17.19 -19.70
N SER C 102 -6.86 -16.12 -18.90
CA SER C 102 -7.99 -15.22 -18.73
C SER C 102 -7.90 -14.09 -19.75
N MET C 103 -9.02 -13.82 -20.44
CA MET C 103 -9.06 -12.77 -21.45
C MET C 103 -10.18 -11.78 -21.10
N SER C 104 -9.83 -10.49 -21.10
CA SER C 104 -10.68 -9.44 -20.58
C SER C 104 -10.63 -8.21 -21.47
N GLY C 105 -10.94 -8.38 -22.76
CA GLY C 105 -11.18 -7.26 -23.64
C GLY C 105 -12.19 -6.28 -23.02
N LEU C 106 -12.02 -4.99 -23.32
CA LEU C 106 -12.89 -3.95 -22.78
C LEU C 106 -14.07 -3.70 -23.72
N SER C 107 -14.14 -4.47 -24.81
CA SER C 107 -15.27 -4.49 -25.73
C SER C 107 -15.39 -5.88 -26.34
N VAL C 108 -16.57 -6.20 -26.89
CA VAL C 108 -16.80 -7.51 -27.48
C VAL C 108 -15.87 -7.69 -28.68
N GLU C 109 -15.62 -6.59 -29.41
CA GLU C 109 -14.72 -6.60 -30.56
C GLU C 109 -13.31 -6.97 -30.15
N GLU C 110 -12.82 -6.39 -29.04
CA GLU C 110 -11.50 -6.66 -28.52
C GLU C 110 -11.40 -8.14 -28.10
N SER C 111 -12.41 -8.63 -27.39
CA SER C 111 -12.44 -10.01 -26.92
C SER C 111 -12.42 -10.99 -28.10
N VAL C 112 -13.16 -10.67 -29.18
CA VAL C 112 -13.24 -11.52 -30.35
C VAL C 112 -11.85 -11.63 -31.01
N GLU C 113 -11.18 -10.49 -31.23
CA GLU C 113 -9.86 -10.47 -31.85
C GLU C 113 -8.90 -11.35 -31.04
N MET C 114 -9.03 -11.31 -29.70
CA MET C 114 -8.14 -12.01 -28.80
C MET C 114 -8.37 -13.52 -28.87
N VAL C 115 -9.62 -13.99 -28.81
CA VAL C 115 -9.90 -15.42 -28.74
C VAL C 115 -9.56 -16.09 -30.07
N LYS C 116 -9.68 -15.35 -31.18
CA LYS C 116 -9.31 -15.85 -32.50
C LYS C 116 -7.83 -16.22 -32.54
N LYS C 117 -6.99 -15.42 -31.87
CA LYS C 117 -5.55 -15.68 -31.81
C LYS C 117 -5.26 -16.92 -30.97
N LEU C 118 -6.14 -17.26 -30.02
CA LEU C 118 -5.94 -18.36 -29.10
C LEU C 118 -6.22 -19.72 -29.78
N VAL C 119 -7.16 -19.74 -30.74
CA VAL C 119 -7.65 -20.97 -31.34
C VAL C 119 -6.50 -21.91 -31.70
N PRO C 120 -5.55 -21.52 -32.59
CA PRO C 120 -4.45 -22.41 -32.96
C PRO C 120 -3.66 -22.97 -31.77
N ILE C 121 -3.50 -22.16 -30.71
CA ILE C 121 -2.71 -22.56 -29.55
C ILE C 121 -3.50 -23.54 -28.69
N THR C 122 -4.81 -23.33 -28.54
CA THR C 122 -5.68 -24.31 -27.88
C THR C 122 -5.57 -25.64 -28.60
N LYS C 123 -5.66 -25.62 -29.94
CA LYS C 123 -5.66 -26.83 -30.76
C LYS C 123 -4.34 -27.59 -30.61
N GLU C 124 -3.23 -26.85 -30.56
CA GLU C 124 -1.89 -27.45 -30.53
C GLU C 124 -1.50 -27.84 -29.10
N LYS C 125 -1.79 -26.98 -28.12
CA LYS C 125 -1.22 -27.10 -26.77
C LYS C 125 -2.25 -27.53 -25.74
N GLY C 126 -3.54 -27.28 -25.99
CA GLY C 126 -4.60 -27.58 -25.04
C GLY C 126 -4.83 -26.45 -24.03
N THR C 127 -4.33 -25.24 -24.34
CA THR C 127 -4.56 -24.06 -23.52
C THR C 127 -6.07 -23.83 -23.38
N ILE C 128 -6.54 -23.54 -22.16
CA ILE C 128 -7.95 -23.37 -21.88
C ILE C 128 -8.27 -21.88 -21.70
N LEU C 129 -9.43 -21.46 -22.23
CA LEU C 129 -9.89 -20.07 -22.14
C LEU C 129 -10.83 -19.87 -20.96
N GLU C 130 -10.55 -18.83 -20.15
CA GLU C 130 -11.51 -18.25 -19.21
C GLU C 130 -11.81 -16.81 -19.66
N LEU C 131 -13.05 -16.57 -20.12
CA LEU C 131 -13.48 -15.26 -20.58
C LEU C 131 -13.97 -14.44 -19.39
N ASN C 132 -13.32 -13.31 -19.11
CA ASN C 132 -13.65 -12.51 -17.93
C ASN C 132 -14.82 -11.59 -18.24
N LEU C 133 -15.97 -11.83 -17.58
CA LEU C 133 -17.15 -10.99 -17.74
C LEU C 133 -17.43 -10.21 -16.44
N SER C 134 -16.39 -9.90 -15.66
CA SER C 134 -16.56 -9.29 -14.35
C SER C 134 -15.36 -8.45 -13.92
N ALA C 135 -14.75 -7.72 -14.85
CA ALA C 135 -13.63 -6.84 -14.55
C ALA C 135 -14.12 -5.53 -13.91
N PRO C 136 -14.10 -5.38 -12.56
CA PRO C 136 -14.82 -4.31 -11.88
C PRO C 136 -14.04 -3.02 -11.56
N ASN C 137 -12.75 -2.95 -11.89
CA ASN C 137 -11.89 -1.84 -11.48
C ASN C 137 -11.38 -1.03 -12.66
N VAL C 138 -12.13 -1.02 -13.77
CA VAL C 138 -11.82 -0.20 -14.94
C VAL C 138 -12.85 0.91 -15.03
N PRO C 139 -12.49 2.19 -14.73
CA PRO C 139 -13.44 3.29 -14.81
C PRO C 139 -14.15 3.40 -16.16
N GLY C 140 -15.48 3.42 -16.13
CA GLY C 140 -16.30 3.61 -17.32
C GLY C 140 -16.76 2.30 -17.96
N LYS C 141 -16.39 1.15 -17.37
CA LYS C 141 -16.75 -0.15 -17.89
C LYS C 141 -17.54 -0.93 -16.84
N PRO C 142 -18.91 -0.88 -16.88
CA PRO C 142 -19.73 -1.74 -16.03
C PRO C 142 -19.48 -3.22 -16.27
N GLN C 143 -19.62 -4.03 -15.22
CA GLN C 143 -19.33 -5.45 -15.31
C GLN C 143 -20.33 -6.08 -16.27
N VAL C 144 -19.82 -6.75 -17.32
CA VAL C 144 -20.63 -7.32 -18.38
C VAL C 144 -21.66 -8.27 -17.78
N GLY C 145 -21.25 -9.03 -16.76
CA GLY C 145 -22.09 -10.02 -16.10
C GLY C 145 -23.33 -9.44 -15.42
N TYR C 146 -23.38 -8.11 -15.22
CA TYR C 146 -24.54 -7.47 -14.60
C TYR C 146 -25.48 -6.90 -15.66
N ASP C 147 -25.18 -7.13 -16.95
CA ASP C 147 -26.10 -6.82 -18.04
C ASP C 147 -26.25 -8.07 -18.91
N PHE C 148 -27.43 -8.72 -18.83
CA PHE C 148 -27.64 -10.03 -19.45
C PHE C 148 -27.74 -9.90 -20.96
N ASP C 149 -28.12 -8.71 -21.46
CA ASP C 149 -28.14 -8.44 -22.89
C ASP C 149 -26.70 -8.40 -23.43
N THR C 150 -25.81 -7.69 -22.72
CA THR C 150 -24.42 -7.59 -23.11
C THR C 150 -23.74 -8.96 -22.97
N THR C 151 -24.02 -9.67 -21.86
CA THR C 151 -23.47 -11.01 -21.65
C THR C 151 -23.80 -11.90 -22.84
N ARG C 152 -25.07 -11.89 -23.28
CA ARG C 152 -25.52 -12.73 -24.38
C ARG C 152 -24.69 -12.44 -25.63
N THR C 153 -24.43 -11.15 -25.91
CA THR C 153 -23.66 -10.72 -27.07
C THR C 153 -22.22 -11.26 -27.00
N TYR C 154 -21.58 -11.17 -25.83
CA TYR C 154 -20.22 -11.65 -25.65
C TYR C 154 -20.17 -13.15 -25.93
N LEU C 155 -21.07 -13.92 -25.31
CA LEU C 155 -21.06 -15.37 -25.43
C LEU C 155 -21.39 -15.79 -26.86
N GLN C 156 -22.27 -15.03 -27.52
CA GLN C 156 -22.63 -15.27 -28.92
C GLN C 156 -21.39 -15.13 -29.79
N LYS C 157 -20.72 -13.99 -29.69
CA LYS C 157 -19.63 -13.63 -30.58
C LYS C 157 -18.37 -14.45 -30.27
N VAL C 158 -18.14 -14.78 -29.00
CA VAL C 158 -16.96 -15.56 -28.63
C VAL C 158 -17.18 -17.03 -28.99
N SER C 159 -18.41 -17.54 -28.82
CA SER C 159 -18.75 -18.89 -29.26
C SER C 159 -18.45 -19.05 -30.75
N GLU C 160 -18.88 -18.06 -31.55
CA GLU C 160 -18.72 -18.06 -32.99
C GLU C 160 -17.23 -18.01 -33.36
N ALA C 161 -16.46 -17.13 -32.70
CA ALA C 161 -15.08 -16.86 -33.06
C ALA C 161 -14.15 -17.98 -32.60
N TYR C 162 -14.40 -18.55 -31.40
CA TYR C 162 -13.48 -19.49 -30.77
C TYR C 162 -13.85 -20.92 -31.15
N GLY C 163 -15.14 -21.28 -31.02
CA GLY C 163 -15.67 -22.52 -31.57
C GLY C 163 -15.31 -23.78 -30.77
N LEU C 164 -14.65 -23.60 -29.62
CA LEU C 164 -14.19 -24.70 -28.79
C LEU C 164 -14.74 -24.51 -27.37
N PRO C 165 -14.78 -25.56 -26.51
CA PRO C 165 -15.20 -25.38 -25.12
C PRO C 165 -14.38 -24.31 -24.40
N PHE C 166 -15.07 -23.44 -23.64
CA PHE C 166 -14.41 -22.40 -22.86
C PHE C 166 -15.21 -22.13 -21.60
N GLY C 167 -14.68 -21.28 -20.71
CA GLY C 167 -15.34 -20.92 -19.47
C GLY C 167 -15.49 -19.41 -19.32
N VAL C 168 -16.22 -19.00 -18.28
CA VAL C 168 -16.52 -17.59 -18.00
C VAL C 168 -16.26 -17.31 -16.52
N LYS C 169 -15.64 -16.17 -16.24
CA LYS C 169 -15.48 -15.66 -14.88
C LYS C 169 -16.64 -14.69 -14.60
N MET C 170 -17.50 -15.05 -13.65
CA MET C 170 -18.75 -14.33 -13.42
C MET C 170 -18.62 -13.43 -12.21
N PRO C 171 -19.35 -12.29 -12.17
CA PRO C 171 -19.45 -11.50 -10.95
C PRO C 171 -20.40 -12.19 -9.97
N PRO C 172 -20.30 -11.90 -8.65
CA PRO C 172 -21.24 -12.46 -7.69
C PRO C 172 -22.65 -11.89 -7.87
N TYR C 173 -23.66 -12.76 -7.77
CA TYR C 173 -25.05 -12.36 -7.75
C TYR C 173 -25.58 -12.51 -6.32
N PHE C 174 -26.65 -11.76 -6.03
CA PHE C 174 -27.16 -11.60 -4.67
C PHE C 174 -28.68 -11.72 -4.62
N ASP C 175 -29.28 -12.21 -5.71
CA ASP C 175 -30.73 -12.23 -5.89
C ASP C 175 -31.09 -13.48 -6.69
N ILE C 176 -32.08 -14.25 -6.20
CA ILE C 176 -32.46 -15.52 -6.82
C ILE C 176 -32.83 -15.29 -8.29
N ALA C 177 -33.54 -14.19 -8.58
CA ALA C 177 -33.94 -13.88 -9.95
C ALA C 177 -32.72 -13.67 -10.85
N HIS C 178 -31.63 -13.13 -10.30
CA HIS C 178 -30.41 -12.92 -11.05
C HIS C 178 -29.69 -14.25 -11.33
N PHE C 179 -29.74 -15.18 -10.37
CA PHE C 179 -29.24 -16.55 -10.59
C PHE C 179 -29.98 -17.15 -11.78
N ASP C 180 -31.31 -17.02 -11.77
CA ASP C 180 -32.19 -17.55 -12.81
C ASP C 180 -31.85 -16.94 -14.17
N MET C 181 -31.75 -15.60 -14.24
CA MET C 181 -31.52 -14.89 -15.49
C MET C 181 -30.13 -15.23 -16.04
N ALA C 182 -29.11 -15.26 -15.16
CA ALA C 182 -27.75 -15.59 -15.56
C ALA C 182 -27.69 -16.99 -16.16
N ALA C 183 -28.33 -17.95 -15.47
CA ALA C 183 -28.35 -19.35 -15.88
C ALA C 183 -29.04 -19.52 -17.23
N ALA C 184 -30.13 -18.77 -17.46
CA ALA C 184 -30.87 -18.83 -18.71
C ALA C 184 -29.98 -18.42 -19.88
N VAL C 185 -29.15 -17.39 -19.68
CA VAL C 185 -28.24 -16.92 -20.71
C VAL C 185 -27.15 -17.96 -20.92
N LEU C 186 -26.52 -18.42 -19.82
CA LEU C 186 -25.39 -19.33 -19.89
C LEU C 186 -25.78 -20.64 -20.58
N ASN C 187 -26.98 -21.17 -20.26
CA ASN C 187 -27.43 -22.45 -20.78
C ASN C 187 -27.76 -22.39 -22.27
N ASP C 188 -27.85 -21.18 -22.84
CA ASP C 188 -28.07 -21.01 -24.28
C ASP C 188 -26.76 -21.12 -25.07
N PHE C 189 -25.62 -21.34 -24.39
CA PHE C 189 -24.32 -21.43 -25.04
C PHE C 189 -23.62 -22.72 -24.60
N PRO C 190 -23.84 -23.83 -25.35
CA PRO C 190 -23.26 -25.13 -24.99
C PRO C 190 -21.73 -25.17 -24.90
N LEU C 191 -21.04 -24.25 -25.57
CA LEU C 191 -19.58 -24.22 -25.58
C LEU C 191 -19.04 -23.64 -24.28
N VAL C 192 -19.88 -22.94 -23.50
CA VAL C 192 -19.51 -22.54 -22.15
C VAL C 192 -19.56 -23.79 -21.28
N LYS C 193 -18.39 -24.38 -21.01
CA LYS C 193 -18.31 -25.67 -20.32
C LYS C 193 -17.97 -25.50 -18.84
N PHE C 194 -17.49 -24.32 -18.42
CA PHE C 194 -17.32 -24.06 -16.99
C PHE C 194 -17.66 -22.61 -16.66
N ILE C 195 -18.06 -22.41 -15.39
CA ILE C 195 -18.38 -21.12 -14.81
C ILE C 195 -17.50 -20.94 -13.57
N THR C 196 -16.72 -19.86 -13.51
CA THR C 196 -15.96 -19.54 -12.31
C THR C 196 -16.74 -18.53 -11.47
N CYS C 197 -17.13 -18.98 -10.26
CA CYS C 197 -17.84 -18.19 -9.26
C CYS C 197 -16.94 -18.06 -8.03
N VAL C 198 -16.46 -16.86 -7.69
CA VAL C 198 -16.87 -15.56 -8.21
C VAL C 198 -15.66 -14.64 -8.30
N ASN C 199 -15.85 -13.52 -9.01
CA ASN C 199 -14.92 -12.39 -9.00
CA ASN C 199 -14.92 -12.40 -9.00
C ASN C 199 -15.11 -11.63 -7.69
N SER C 200 -14.29 -10.60 -7.47
CA SER C 200 -14.39 -9.72 -6.31
C SER C 200 -15.82 -9.29 -6.05
N ILE C 201 -16.17 -9.10 -4.77
CA ILE C 201 -17.35 -8.32 -4.44
C ILE C 201 -17.03 -6.86 -4.73
N GLY C 202 -17.67 -6.31 -5.78
CA GLY C 202 -17.23 -5.08 -6.41
C GLY C 202 -17.47 -3.85 -5.54
N ASN C 203 -16.56 -2.87 -5.67
CA ASN C 203 -16.85 -1.49 -5.31
C ASN C 203 -17.19 -1.38 -3.82
N GLY C 204 -16.36 -2.02 -2.99
CA GLY C 204 -16.34 -1.75 -1.55
C GLY C 204 -15.44 -0.56 -1.25
N LEU C 205 -15.53 -0.02 -0.02
CA LEU C 205 -14.77 1.14 0.40
C LEU C 205 -14.18 0.87 1.79
N VAL C 206 -12.86 1.05 1.90
CA VAL C 206 -12.16 0.93 3.18
C VAL C 206 -11.55 2.29 3.52
N ILE C 207 -11.74 2.72 4.77
CA ILE C 207 -11.26 4.00 5.28
C ILE C 207 -10.40 3.73 6.52
N ASP C 208 -9.24 4.40 6.58
CA ASP C 208 -8.39 4.37 7.77
C ASP C 208 -8.92 5.41 8.76
N PRO C 209 -9.34 5.00 9.98
CA PRO C 209 -9.90 5.95 10.94
C PRO C 209 -8.87 6.97 11.45
N ALA C 210 -7.60 6.58 11.44
CA ALA C 210 -6.50 7.41 11.92
C ALA C 210 -6.38 8.71 11.11
N ASN C 211 -6.26 8.59 9.78
CA ASN C 211 -6.05 9.76 8.92
C ASN C 211 -7.33 10.15 8.16
N GLU C 212 -8.43 9.41 8.39
CA GLU C 212 -9.73 9.71 7.81
C GLU C 212 -9.68 9.68 6.29
N THR C 213 -8.78 8.83 5.74
CA THR C 213 -8.52 8.76 4.31
C THR C 213 -8.79 7.33 3.82
N VAL C 214 -9.35 7.21 2.61
CA VAL C 214 -9.50 5.93 1.93
C VAL C 214 -8.11 5.30 1.75
N VAL C 215 -8.04 3.97 1.62
CA VAL C 215 -6.78 3.25 1.65
C VAL C 215 -6.26 3.01 0.23
N ILE C 216 -7.10 3.17 -0.79
CA ILE C 216 -6.64 3.07 -2.18
C ILE C 216 -6.99 4.38 -2.91
N LYS C 217 -6.17 4.72 -3.92
CA LYS C 217 -6.27 5.99 -4.63
C LYS C 217 -7.35 5.96 -5.73
N PRO C 218 -7.40 4.93 -6.62
CA PRO C 218 -8.34 4.93 -7.73
C PRO C 218 -9.80 4.97 -7.29
N LYS C 219 -10.64 5.62 -8.11
CA LYS C 219 -12.09 5.56 -7.98
C LYS C 219 -12.55 5.98 -6.58
N GLN C 220 -11.91 7.01 -6.02
CA GLN C 220 -12.29 7.61 -4.75
C GLN C 220 -12.26 6.56 -3.63
N GLY C 221 -11.39 5.55 -3.77
CA GLY C 221 -11.19 4.54 -2.75
C GLY C 221 -11.98 3.26 -2.99
N PHE C 222 -12.81 3.21 -4.04
CA PHE C 222 -13.68 2.08 -4.31
C PHE C 222 -12.88 0.98 -5.00
N GLY C 223 -13.04 -0.27 -4.52
CA GLY C 223 -12.27 -1.40 -5.03
C GLY C 223 -12.96 -2.74 -4.74
N GLY C 224 -12.50 -3.80 -5.42
CA GLY C 224 -13.04 -5.13 -5.25
C GLY C 224 -12.55 -5.79 -3.96
N LEU C 225 -13.47 -6.45 -3.25
CA LEU C 225 -13.17 -7.16 -2.02
C LEU C 225 -12.87 -8.63 -2.32
N GLY C 226 -11.80 -9.14 -1.69
CA GLY C 226 -11.47 -10.56 -1.71
C GLY C 226 -11.19 -11.06 -0.30
N GLY C 227 -11.09 -12.39 -0.15
CA GLY C 227 -10.72 -13.00 1.12
C GLY C 227 -11.94 -13.43 1.93
N LYS C 228 -11.85 -13.29 3.25
CA LYS C 228 -12.84 -13.87 4.16
C LYS C 228 -14.21 -13.23 3.96
N TYR C 229 -14.24 -12.00 3.41
CA TYR C 229 -15.49 -11.30 3.12
C TYR C 229 -16.38 -12.07 2.16
N VAL C 230 -15.79 -12.90 1.27
CA VAL C 230 -16.49 -13.36 0.08
C VAL C 230 -16.91 -14.82 0.16
N LEU C 231 -16.52 -15.56 1.22
CA LEU C 231 -16.73 -17.01 1.25
C LEU C 231 -18.21 -17.36 1.09
N PRO C 232 -19.15 -16.87 1.94
CA PRO C 232 -20.56 -17.26 1.80
C PRO C 232 -21.17 -16.89 0.45
N THR C 233 -20.79 -15.73 -0.08
CA THR C 233 -21.22 -15.30 -1.41
C THR C 233 -20.75 -16.30 -2.47
N ALA C 234 -19.47 -16.70 -2.38
CA ALA C 234 -18.87 -17.62 -3.35
C ALA C 234 -19.58 -18.97 -3.31
N LEU C 235 -19.75 -19.53 -2.09
CA LEU C 235 -20.40 -20.82 -1.91
C LEU C 235 -21.81 -20.80 -2.49
N ALA C 236 -22.53 -19.69 -2.27
CA ALA C 236 -23.89 -19.53 -2.77
C ALA C 236 -23.93 -19.55 -4.29
N ASN C 237 -23.01 -18.79 -4.92
CA ASN C 237 -22.95 -18.70 -6.37
C ASN C 237 -22.55 -20.06 -6.95
N VAL C 238 -21.56 -20.73 -6.34
CA VAL C 238 -21.13 -22.05 -6.77
C VAL C 238 -22.33 -23.01 -6.79
N ASN C 239 -23.08 -23.05 -5.69
CA ASN C 239 -24.17 -24.02 -5.53
C ASN C 239 -25.34 -23.67 -6.46
N ALA C 240 -25.64 -22.37 -6.60
CA ALA C 240 -26.73 -21.90 -7.44
C ALA C 240 -26.53 -22.33 -8.90
N PHE C 241 -25.30 -22.19 -9.42
CA PHE C 241 -25.02 -22.50 -10.81
C PHE C 241 -24.81 -24.01 -11.00
N PHE C 242 -24.24 -24.68 -9.99
CA PHE C 242 -24.12 -26.14 -10.01
C PHE C 242 -25.48 -26.76 -10.30
N ARG C 243 -26.52 -26.28 -9.60
CA ARG C 243 -27.87 -26.82 -9.74
C ARG C 243 -28.50 -26.40 -11.07
N ARG C 244 -28.31 -25.13 -11.50
CA ARG C 244 -29.02 -24.57 -12.63
C ARG C 244 -28.38 -24.93 -13.98
N CYS C 245 -27.09 -25.30 -13.97
CA CYS C 245 -26.33 -25.52 -15.20
C CYS C 245 -25.74 -26.92 -15.22
N PRO C 246 -26.57 -27.99 -15.41
CA PRO C 246 -26.09 -29.37 -15.30
C PRO C 246 -25.06 -29.80 -16.34
N ASP C 247 -24.98 -29.14 -17.51
CA ASP C 247 -24.00 -29.52 -18.52
C ASP C 247 -22.76 -28.63 -18.44
N LYS C 248 -22.58 -27.93 -17.31
CA LYS C 248 -21.39 -27.11 -17.09
C LYS C 248 -20.72 -27.52 -15.77
N LEU C 249 -19.40 -27.37 -15.72
CA LEU C 249 -18.64 -27.47 -14.48
C LEU C 249 -18.65 -26.09 -13.80
N VAL C 250 -18.47 -26.08 -12.48
CA VAL C 250 -18.37 -24.84 -11.73
C VAL C 250 -17.01 -24.84 -11.03
N PHE C 251 -16.26 -23.74 -11.20
CA PHE C 251 -15.04 -23.50 -10.45
C PHE C 251 -15.34 -22.54 -9.31
N GLY C 252 -14.92 -22.91 -8.10
CA GLY C 252 -15.09 -22.08 -6.92
C GLY C 252 -13.92 -21.11 -6.76
N CYS C 253 -14.25 -19.85 -6.47
CA CYS C 253 -13.27 -18.80 -6.21
C CYS C 253 -13.84 -17.84 -5.18
N GLY C 254 -13.12 -17.69 -4.06
CA GLY C 254 -13.53 -16.77 -3.00
C GLY C 254 -13.37 -17.37 -1.62
N GLY C 255 -12.48 -16.76 -0.81
CA GLY C 255 -12.44 -16.99 0.63
C GLY C 255 -11.67 -18.26 1.02
N VAL C 256 -10.88 -18.83 0.10
CA VAL C 256 -10.15 -20.05 0.38
C VAL C 256 -8.83 -19.70 1.08
N TYR C 257 -8.70 -20.12 2.35
CA TYR C 257 -7.48 -19.97 3.12
C TYR C 257 -6.94 -21.32 3.58
N SER C 258 -7.74 -22.39 3.43
CA SER C 258 -7.44 -23.67 4.06
C SER C 258 -8.19 -24.80 3.35
N GLY C 259 -7.78 -26.04 3.66
CA GLY C 259 -8.45 -27.23 3.15
C GLY C 259 -9.94 -27.23 3.48
N GLU C 260 -10.29 -26.66 4.64
CA GLU C 260 -11.68 -26.61 5.08
C GLU C 260 -12.54 -25.82 4.10
N GLU C 261 -12.07 -24.64 3.64
CA GLU C 261 -12.85 -23.84 2.71
C GLU C 261 -12.89 -24.53 1.35
N ALA C 262 -11.78 -25.16 0.95
CA ALA C 262 -11.71 -25.93 -0.28
C ALA C 262 -12.75 -27.04 -0.28
N PHE C 263 -12.90 -27.70 0.88
CA PHE C 263 -13.85 -28.79 1.07
C PHE C 263 -15.28 -28.28 0.86
N LEU C 264 -15.59 -27.13 1.48
CA LEU C 264 -16.92 -26.54 1.39
C LEU C 264 -17.27 -26.16 -0.06
N HIS C 265 -16.29 -25.62 -0.79
CA HIS C 265 -16.47 -25.28 -2.21
C HIS C 265 -16.85 -26.52 -3.02
N ILE C 266 -16.11 -27.62 -2.82
CA ILE C 266 -16.34 -28.85 -3.56
C ILE C 266 -17.69 -29.45 -3.15
N LEU C 267 -18.01 -29.39 -1.85
CA LEU C 267 -19.30 -29.86 -1.35
C LEU C 267 -20.44 -29.09 -2.01
N ALA C 268 -20.22 -27.79 -2.27
CA ALA C 268 -21.20 -26.91 -2.90
C ALA C 268 -21.34 -27.21 -4.40
N GLY C 269 -20.31 -27.80 -5.02
CA GLY C 269 -20.39 -28.25 -6.40
C GLY C 269 -19.13 -27.99 -7.23
N ALA C 270 -18.08 -27.41 -6.62
CA ALA C 270 -16.92 -26.97 -7.38
C ALA C 270 -16.08 -28.14 -7.88
N SER C 271 -15.65 -28.05 -9.15
CA SER C 271 -14.72 -29.01 -9.75
C SER C 271 -13.27 -28.60 -9.50
N MET C 272 -12.95 -27.31 -9.72
CA MET C 272 -11.66 -26.73 -9.36
C MET C 272 -11.87 -25.65 -8.30
N VAL C 273 -10.80 -25.32 -7.57
CA VAL C 273 -10.86 -24.31 -6.51
C VAL C 273 -9.71 -23.33 -6.72
N GLN C 274 -10.05 -22.04 -6.86
CA GLN C 274 -9.08 -20.99 -7.12
C GLN C 274 -8.78 -20.23 -5.83
N VAL C 275 -7.54 -19.75 -5.70
CA VAL C 275 -7.04 -19.10 -4.49
C VAL C 275 -6.46 -17.74 -4.87
N GLY C 276 -7.07 -16.66 -4.36
CA GLY C 276 -6.65 -15.30 -4.65
C GLY C 276 -5.90 -14.65 -3.49
N THR C 277 -6.64 -13.94 -2.62
CA THR C 277 -6.06 -13.15 -1.55
C THR C 277 -5.07 -13.99 -0.72
N ALA C 278 -5.47 -15.22 -0.35
CA ALA C 278 -4.64 -16.06 0.51
C ALA C 278 -3.30 -16.38 -0.15
N LEU C 279 -3.32 -16.58 -1.47
CA LEU C 279 -2.10 -16.80 -2.25
C LEU C 279 -1.25 -15.54 -2.26
N HIS C 280 -1.90 -14.38 -2.40
CA HIS C 280 -1.19 -13.10 -2.40
C HIS C 280 -0.45 -12.91 -1.07
N ASP C 281 -1.10 -13.33 0.03
CA ASP C 281 -0.53 -13.23 1.37
C ASP C 281 0.64 -14.19 1.54
N GLU C 282 0.45 -15.46 1.18
CA GLU C 282 1.27 -16.57 1.65
C GLU C 282 2.34 -16.96 0.62
N GLY C 283 2.07 -16.75 -0.67
CA GLY C 283 2.95 -17.20 -1.72
C GLY C 283 2.61 -18.63 -2.16
N PRO C 284 3.25 -19.16 -3.22
CA PRO C 284 2.85 -20.45 -3.80
C PRO C 284 3.03 -21.68 -2.91
N ILE C 285 3.70 -21.54 -1.76
CA ILE C 285 3.81 -22.63 -0.80
C ILE C 285 2.43 -23.03 -0.28
N ILE C 286 1.44 -22.12 -0.41
CA ILE C 286 0.08 -22.38 0.07
C ILE C 286 -0.49 -23.65 -0.55
N PHE C 287 -0.09 -23.97 -1.79
CA PHE C 287 -0.67 -25.09 -2.52
C PHE C 287 -0.29 -26.42 -1.86
N ALA C 288 0.94 -26.51 -1.32
CA ALA C 288 1.37 -27.68 -0.58
C ALA C 288 0.52 -27.86 0.67
N ARG C 289 0.25 -26.76 1.38
CA ARG C 289 -0.55 -26.78 2.60
C ARG C 289 -1.99 -27.19 2.29
N LEU C 290 -2.54 -26.67 1.19
CA LEU C 290 -3.94 -26.91 0.83
C LEU C 290 -4.16 -28.40 0.48
N ASN C 291 -3.23 -29.00 -0.27
CA ASN C 291 -3.29 -30.42 -0.59
C ASN C 291 -3.30 -31.25 0.69
N LYS C 292 -2.37 -30.95 1.60
CA LYS C 292 -2.22 -31.66 2.86
C LYS C 292 -3.50 -31.58 3.69
N GLU C 293 -4.08 -30.37 3.79
CA GLU C 293 -5.23 -30.13 4.67
C GLU C 293 -6.49 -30.78 4.10
N LEU C 294 -6.66 -30.75 2.77
CA LEU C 294 -7.82 -31.35 2.14
C LEU C 294 -7.79 -32.87 2.31
N GLN C 295 -6.60 -33.46 2.14
CA GLN C 295 -6.39 -34.88 2.31
C GLN C 295 -6.69 -35.30 3.75
N GLU C 296 -6.38 -34.44 4.72
CA GLU C 296 -6.61 -34.73 6.14
C GLU C 296 -8.10 -34.79 6.42
N ILE C 297 -8.87 -33.86 5.84
CA ILE C 297 -10.32 -33.80 6.01
C ILE C 297 -10.97 -35.04 5.39
N MET C 298 -10.50 -35.42 4.20
CA MET C 298 -11.04 -36.58 3.49
C MET C 298 -10.74 -37.86 4.27
N THR C 299 -9.51 -37.99 4.79
CA THR C 299 -9.11 -39.11 5.63
C THR C 299 -10.05 -39.21 6.83
N ASN C 300 -10.35 -38.08 7.47
CA ASN C 300 -11.20 -38.04 8.66
C ASN C 300 -12.62 -38.50 8.35
N LYS C 301 -13.07 -38.24 7.11
CA LYS C 301 -14.47 -38.47 6.73
C LYS C 301 -14.63 -39.78 5.94
N GLY C 302 -13.51 -40.46 5.67
CA GLY C 302 -13.52 -41.72 4.93
C GLY C 302 -13.84 -41.54 3.46
N TYR C 303 -13.36 -40.43 2.87
CA TYR C 303 -13.48 -40.18 1.43
C TYR C 303 -12.13 -40.47 0.77
N LYS C 304 -12.18 -41.16 -0.38
CA LYS C 304 -10.98 -41.51 -1.14
C LYS C 304 -10.85 -40.68 -2.41
N THR C 305 -11.97 -40.11 -2.90
CA THR C 305 -11.99 -39.27 -4.10
C THR C 305 -12.92 -38.07 -3.88
N LEU C 306 -12.79 -37.04 -4.72
CA LEU C 306 -13.59 -35.83 -4.63
C LEU C 306 -15.04 -36.10 -5.08
N ASP C 307 -15.21 -37.10 -5.96
CA ASP C 307 -16.53 -37.51 -6.44
C ASP C 307 -17.44 -37.98 -5.30
N GLU C 308 -16.84 -38.42 -4.19
CA GLU C 308 -17.59 -38.96 -3.07
C GLU C 308 -18.39 -37.87 -2.34
N PHE C 309 -18.08 -36.58 -2.55
CA PHE C 309 -18.81 -35.53 -1.87
C PHE C 309 -19.04 -34.27 -2.73
N ARG C 310 -18.60 -34.24 -4.00
CA ARG C 310 -18.80 -33.05 -4.82
C ARG C 310 -20.30 -32.83 -5.05
N GLY C 311 -20.78 -31.64 -4.65
CA GLY C 311 -22.16 -31.23 -4.85
C GLY C 311 -23.14 -31.91 -3.91
N ARG C 312 -22.64 -32.52 -2.82
CA ARG C 312 -23.47 -33.32 -1.93
C ARG C 312 -23.75 -32.59 -0.62
N VAL C 313 -23.72 -31.25 -0.66
CA VAL C 313 -24.16 -30.43 0.46
C VAL C 313 -25.62 -30.79 0.78
N LYS C 314 -25.93 -30.97 2.07
CA LYS C 314 -27.26 -31.33 2.52
C LYS C 314 -28.03 -30.07 2.93
N THR C 315 -29.32 -30.02 2.57
CA THR C 315 -30.25 -29.02 3.07
C THR C 315 -31.06 -29.65 4.22
N MET C 316 -31.85 -28.83 4.93
CA MET C 316 -32.54 -29.28 6.13
C MET C 316 -33.99 -29.66 5.79
N PRO D 2 -13.54 18.09 30.75
CA PRO D 2 -13.78 18.00 29.28
C PRO D 2 -14.62 19.16 28.76
N GLY D 3 -14.39 19.46 27.47
CA GLY D 3 -15.11 20.51 26.76
C GLY D 3 -16.44 20.00 26.21
N SER D 4 -17.11 20.88 25.45
CA SER D 4 -18.37 20.54 24.80
C SER D 4 -18.19 19.28 23.95
N MET D 5 -19.18 18.39 24.07
CA MET D 5 -19.27 17.16 23.28
C MET D 5 -20.74 16.88 23.04
N SER D 6 -21.13 16.66 21.77
CA SER D 6 -22.52 16.41 21.43
C SER D 6 -22.61 15.40 20.28
N LEU D 7 -23.42 14.36 20.49
CA LEU D 7 -23.75 13.37 19.47
C LEU D 7 -25.10 13.70 18.84
N LYS D 8 -25.62 14.90 19.14
CA LYS D 8 -26.95 15.30 18.68
C LYS D 8 -27.01 15.32 17.16
N VAL D 9 -28.20 14.99 16.65
CA VAL D 9 -28.49 14.99 15.22
C VAL D 9 -29.85 15.65 15.05
N ASN D 10 -29.88 16.73 14.26
CA ASN D 10 -31.09 17.50 14.02
C ASN D 10 -31.52 17.30 12.56
N ILE D 11 -32.42 16.32 12.33
CA ILE D 11 -32.85 15.94 11.00
C ILE D 11 -34.35 15.65 11.00
N LEU D 12 -34.98 15.84 9.83
CA LEU D 12 -36.37 15.48 9.55
C LEU D 12 -37.33 16.22 10.50
N GLY D 13 -36.85 17.29 11.13
CA GLY D 13 -37.66 18.11 12.04
C GLY D 13 -37.65 17.58 13.48
N HIS D 14 -36.71 16.67 13.79
CA HIS D 14 -36.60 16.07 15.11
C HIS D 14 -35.19 16.31 15.64
N GLU D 15 -35.05 16.29 16.98
CA GLU D 15 -33.75 16.21 17.61
C GLU D 15 -33.54 14.76 18.07
N PHE D 16 -32.33 14.23 17.80
CA PHE D 16 -31.91 12.93 18.26
C PHE D 16 -30.72 13.12 19.21
N SER D 17 -30.77 12.46 20.38
CA SER D 17 -29.73 12.57 21.39
C SER D 17 -28.40 12.05 20.86
N ASN D 18 -28.46 11.06 19.96
CA ASN D 18 -27.28 10.45 19.37
C ASN D 18 -27.68 9.81 18.04
N PRO D 19 -26.73 9.41 17.17
CA PRO D 19 -27.08 8.91 15.84
C PRO D 19 -27.48 7.44 15.75
N PHE D 20 -27.50 6.74 16.90
CA PHE D 20 -27.64 5.29 16.91
C PHE D 20 -29.09 4.86 16.99
N MET D 21 -29.43 3.81 16.21
CA MET D 21 -30.71 3.13 16.28
C MET D 21 -30.51 1.66 15.91
N ASN D 22 -31.54 0.84 16.14
CA ASN D 22 -31.53 -0.54 15.69
C ASN D 22 -31.67 -0.56 14.17
N ALA D 23 -31.05 -1.56 13.52
CA ALA D 23 -31.39 -1.91 12.15
C ALA D 23 -32.78 -2.55 12.17
N ALA D 24 -33.60 -2.23 11.16
CA ALA D 24 -34.92 -2.83 11.05
C ALA D 24 -34.79 -4.35 11.15
N GLY D 25 -35.68 -4.98 11.92
CA GLY D 25 -35.76 -6.42 12.05
C GLY D 25 -35.03 -6.97 13.28
N VAL D 26 -34.17 -6.17 13.92
CA VAL D 26 -33.44 -6.58 15.10
C VAL D 26 -34.02 -5.86 16.31
N LEU D 27 -34.50 -6.64 17.28
CA LEU D 27 -35.10 -6.15 18.52
C LEU D 27 -36.15 -5.09 18.23
N CYS D 28 -37.19 -5.45 17.46
CA CYS D 28 -38.24 -4.50 17.11
C CYS D 28 -39.50 -5.17 16.58
N THR D 29 -39.72 -6.46 16.88
CA THR D 29 -40.89 -7.18 16.38
C THR D 29 -42.06 -7.07 17.36
N THR D 30 -41.79 -7.29 18.66
CA THR D 30 -42.84 -7.38 19.67
C THR D 30 -42.94 -6.05 20.42
N GLU D 31 -44.04 -5.88 21.18
CA GLU D 31 -44.19 -4.76 22.10
C GLU D 31 -43.01 -4.73 23.05
N GLU D 32 -42.58 -5.91 23.51
CA GLU D 32 -41.47 -6.06 24.44
C GLU D 32 -40.15 -5.60 23.82
N ASP D 33 -39.91 -5.98 22.56
CA ASP D 33 -38.70 -5.61 21.84
C ASP D 33 -38.57 -4.09 21.79
N LEU D 34 -39.67 -3.45 21.37
CA LEU D 34 -39.74 -2.01 21.14
C LEU D 34 -39.58 -1.26 22.47
N ARG D 35 -40.15 -1.83 23.54
CA ARG D 35 -39.99 -1.31 24.88
C ARG D 35 -38.50 -1.31 25.25
N ARG D 36 -37.79 -2.39 24.93
CA ARG D 36 -36.37 -2.52 25.28
C ARG D 36 -35.52 -1.54 24.48
N MET D 37 -35.91 -1.25 23.23
CA MET D 37 -35.21 -0.29 22.41
C MET D 37 -35.45 1.13 22.92
N THR D 38 -36.69 1.43 23.34
CA THR D 38 -37.04 2.74 23.88
C THR D 38 -36.26 3.03 25.16
N GLU D 39 -36.05 2.00 25.99
CA GLU D 39 -35.43 2.14 27.30
C GLU D 39 -33.90 2.16 27.17
N SER D 40 -33.36 1.75 26.01
CA SER D 40 -31.93 1.78 25.75
C SER D 40 -31.43 3.22 25.55
N GLU D 41 -30.11 3.36 25.42
CA GLU D 41 -29.45 4.64 25.23
C GLU D 41 -29.42 5.04 23.74
N SER D 42 -30.19 4.36 22.90
CA SER D 42 -30.24 4.61 21.48
C SER D 42 -30.92 5.96 21.20
N GLY D 43 -30.47 6.66 20.15
CA GLY D 43 -31.05 7.93 19.76
C GLY D 43 -32.43 7.78 19.14
N SER D 44 -32.70 6.61 18.54
CA SER D 44 -34.00 6.31 17.98
C SER D 44 -34.18 4.80 17.87
N LEU D 45 -35.29 4.38 17.25
CA LEU D 45 -35.61 2.98 17.03
C LEU D 45 -36.47 2.86 15.78
N ILE D 46 -36.53 1.66 15.20
CA ILE D 46 -37.38 1.40 14.05
C ILE D 46 -38.08 0.06 14.23
N GLY D 47 -39.35 0.00 13.84
CA GLY D 47 -40.14 -1.22 13.92
C GLY D 47 -39.73 -2.23 12.86
N LYS D 48 -39.99 -3.52 13.13
CA LYS D 48 -39.80 -4.59 12.16
C LYS D 48 -40.54 -4.24 10.87
N SER D 49 -39.94 -4.57 9.72
CA SER D 49 -40.61 -4.43 8.43
C SER D 49 -41.90 -5.24 8.44
N CYS D 50 -43.04 -4.54 8.28
CA CYS D 50 -44.34 -5.16 8.51
C CYS D 50 -45.09 -5.36 7.19
N THR D 51 -46.15 -6.19 7.25
CA THR D 51 -47.05 -6.46 6.14
C THR D 51 -48.47 -6.14 6.59
N LEU D 52 -49.43 -6.14 5.66
CA LEU D 52 -50.80 -5.72 5.93
C LEU D 52 -51.43 -6.59 7.01
N ALA D 53 -51.23 -7.92 6.90
CA ALA D 53 -51.61 -8.87 7.93
C ALA D 53 -50.34 -9.41 8.61
N PRO D 54 -50.41 -9.98 9.83
CA PRO D 54 -49.24 -10.60 10.44
C PRO D 54 -48.68 -11.75 9.61
N ARG D 55 -47.41 -12.13 9.89
CA ARG D 55 -46.76 -13.26 9.25
C ARG D 55 -45.98 -14.05 10.29
N THR D 56 -45.96 -15.39 10.14
CA THR D 56 -45.14 -16.27 10.97
C THR D 56 -43.67 -16.13 10.58
N GLY D 57 -43.43 -15.86 9.29
CA GLY D 57 -42.09 -15.90 8.71
C GLY D 57 -41.74 -17.30 8.21
N ASN D 58 -40.45 -17.54 7.96
CA ASN D 58 -39.96 -18.78 7.39
C ASN D 58 -39.76 -19.82 8.50
N PRO D 59 -39.69 -21.14 8.16
CA PRO D 59 -39.41 -22.18 9.16
C PRO D 59 -38.02 -22.08 9.80
N GLU D 60 -37.93 -22.49 11.07
CA GLU D 60 -36.70 -22.53 11.85
C GLU D 60 -35.82 -23.74 11.52
N PRO D 61 -34.48 -23.68 11.71
CA PRO D 61 -33.77 -22.46 12.10
C PRO D 61 -33.63 -21.46 10.93
N ARG D 62 -33.77 -20.16 11.23
CA ARG D 62 -33.76 -19.13 10.19
C ARG D 62 -32.79 -18.00 10.51
N TYR D 63 -31.93 -18.21 11.52
CA TYR D 63 -30.89 -17.28 11.91
C TYR D 63 -29.69 -18.09 12.41
N PHE D 64 -28.48 -17.72 11.98
CA PHE D 64 -27.28 -18.38 12.49
C PHE D 64 -26.18 -17.35 12.69
N GLY D 65 -25.66 -17.29 13.92
CA GLY D 65 -24.58 -16.40 14.28
C GLY D 65 -23.24 -16.99 13.88
N LEU D 66 -22.41 -16.16 13.23
CA LEU D 66 -21.09 -16.56 12.73
C LEU D 66 -20.02 -15.76 13.44
N PRO D 67 -18.74 -16.23 13.45
CA PRO D 67 -17.63 -15.42 13.93
C PRO D 67 -17.55 -14.03 13.29
N LEU D 68 -17.92 -13.91 12.01
CA LEU D 68 -17.78 -12.67 11.26
C LEU D 68 -19.13 -11.99 11.01
N GLY D 69 -20.21 -12.53 11.59
CA GLY D 69 -21.49 -11.84 11.57
C GLY D 69 -22.68 -12.78 11.71
N SER D 70 -23.57 -12.75 10.70
CA SER D 70 -24.83 -13.48 10.72
C SER D 70 -25.26 -13.86 9.31
N ILE D 71 -26.05 -14.95 9.22
CA ILE D 71 -26.85 -15.29 8.05
C ILE D 71 -28.28 -15.50 8.53
N ASN D 72 -29.27 -14.96 7.80
CA ASN D 72 -30.67 -15.08 8.21
C ASN D 72 -31.57 -15.23 6.98
N SER D 73 -32.68 -15.93 7.19
CA SER D 73 -33.81 -15.94 6.27
C SER D 73 -35.10 -15.89 7.07
N MET D 74 -35.31 -14.77 7.79
CA MET D 74 -36.41 -14.66 8.74
C MET D 74 -37.75 -14.77 8.01
N GLY D 75 -37.89 -14.07 6.88
CA GLY D 75 -39.08 -14.12 6.04
C GLY D 75 -40.19 -13.17 6.51
N LEU D 76 -39.78 -12.00 7.02
CA LEU D 76 -40.67 -10.93 7.46
C LEU D 76 -41.68 -11.44 8.50
N PRO D 77 -41.23 -12.06 9.61
CA PRO D 77 -42.12 -12.33 10.74
C PRO D 77 -42.47 -11.04 11.47
N ASN D 78 -43.76 -10.69 11.50
CA ASN D 78 -44.20 -9.40 12.03
C ASN D 78 -45.64 -9.50 12.52
N LEU D 79 -46.03 -8.58 13.42
CA LEU D 79 -47.34 -8.59 14.07
C LEU D 79 -48.38 -7.86 13.22
N GLY D 80 -48.00 -7.43 12.01
CA GLY D 80 -48.93 -6.82 11.07
C GLY D 80 -49.02 -5.31 11.29
N VAL D 81 -49.45 -4.57 10.26
CA VAL D 81 -49.34 -3.13 10.24
C VAL D 81 -50.14 -2.51 11.40
N ASP D 82 -51.35 -3.03 11.66
CA ASP D 82 -52.23 -2.47 12.68
C ASP D 82 -51.55 -2.45 14.05
N PHE D 83 -50.73 -3.48 14.36
CA PHE D 83 -49.99 -3.52 15.61
C PHE D 83 -49.02 -2.34 15.69
N TYR D 84 -48.21 -2.12 14.65
CA TYR D 84 -47.16 -1.12 14.68
C TYR D 84 -47.76 0.28 14.66
N LEU D 85 -48.89 0.44 13.98
CA LEU D 85 -49.61 1.71 13.95
C LEU D 85 -50.17 2.03 15.34
N SER D 86 -50.77 1.00 15.97
CA SER D 86 -51.29 1.12 17.33
C SER D 86 -50.16 1.46 18.30
N TYR D 87 -48.99 0.82 18.11
CA TYR D 87 -47.81 1.10 18.92
C TYR D 87 -47.39 2.57 18.74
N ALA D 88 -47.40 3.04 17.49
CA ALA D 88 -46.97 4.37 17.12
C ALA D 88 -47.91 5.43 17.69
N ALA D 89 -49.22 5.12 17.65
CA ALA D 89 -50.28 6.05 18.02
C ALA D 89 -50.45 6.14 19.55
N GLN D 90 -50.31 5.00 20.24
CA GLN D 90 -50.75 4.87 21.62
C GLN D 90 -49.59 4.59 22.57
N THR D 91 -48.74 3.60 22.25
CA THR D 91 -47.84 2.99 23.21
C THR D 91 -46.52 3.78 23.32
N HIS D 92 -45.93 4.18 22.18
CA HIS D 92 -44.56 4.70 22.18
C HIS D 92 -44.47 6.02 22.95
N ASP D 93 -43.40 6.15 23.74
CA ASP D 93 -43.08 7.36 24.48
C ASP D 93 -42.10 8.21 23.66
N TYR D 94 -42.64 9.23 22.99
CA TYR D 94 -41.87 10.10 22.11
C TYR D 94 -40.99 11.06 22.90
N SER D 95 -41.25 11.18 24.21
CA SER D 95 -40.43 11.97 25.11
C SER D 95 -39.05 11.32 25.27
N ARG D 96 -38.97 10.01 25.03
CA ARG D 96 -37.71 9.27 25.06
C ARG D 96 -36.91 9.53 23.79
N LYS D 97 -37.54 9.27 22.63
CA LYS D 97 -36.86 9.35 21.34
C LYS D 97 -37.89 9.20 20.21
N PRO D 98 -37.61 9.73 18.99
CA PRO D 98 -38.52 9.53 17.86
C PRO D 98 -38.58 8.08 17.40
N LEU D 99 -39.64 7.76 16.65
CA LEU D 99 -39.91 6.41 16.18
C LEU D 99 -39.96 6.39 14.65
N PHE D 100 -39.29 5.40 14.06
CA PHE D 100 -39.46 5.03 12.66
C PHE D 100 -40.26 3.73 12.59
N LEU D 101 -41.08 3.58 11.54
CA LEU D 101 -41.69 2.30 11.18
C LEU D 101 -41.18 1.88 9.80
N SER D 102 -40.73 0.62 9.68
CA SER D 102 -40.41 0.03 8.39
C SER D 102 -41.65 -0.69 7.84
N MET D 103 -41.94 -0.47 6.55
CA MET D 103 -43.06 -1.10 5.87
C MET D 103 -42.55 -1.80 4.61
N SER D 104 -43.01 -3.05 4.43
CA SER D 104 -42.49 -3.96 3.42
C SER D 104 -43.62 -4.83 2.88
N GLY D 105 -44.59 -4.21 2.20
CA GLY D 105 -45.61 -4.93 1.48
C GLY D 105 -44.99 -5.85 0.42
N LEU D 106 -45.61 -7.02 0.20
CA LEU D 106 -45.10 -7.99 -0.76
C LEU D 106 -45.53 -7.61 -2.18
N SER D 107 -46.30 -6.51 -2.32
CA SER D 107 -46.67 -5.92 -3.59
C SER D 107 -46.86 -4.41 -3.42
N VAL D 108 -46.97 -3.69 -4.54
CA VAL D 108 -47.14 -2.24 -4.52
C VAL D 108 -48.51 -1.91 -3.92
N GLU D 109 -49.54 -2.68 -4.30
CA GLU D 109 -50.90 -2.47 -3.81
C GLU D 109 -50.96 -2.57 -2.29
N GLU D 110 -50.24 -3.56 -1.73
CA GLU D 110 -50.20 -3.77 -0.28
C GLU D 110 -49.53 -2.57 0.39
N SER D 111 -48.34 -2.20 -0.10
CA SER D 111 -47.59 -1.07 0.44
C SER D 111 -48.42 0.21 0.41
N VAL D 112 -49.15 0.43 -0.69
CA VAL D 112 -50.03 1.60 -0.84
C VAL D 112 -51.07 1.60 0.27
N GLU D 113 -51.69 0.44 0.54
CA GLU D 113 -52.74 0.33 1.54
C GLU D 113 -52.18 0.66 2.93
N MET D 114 -50.93 0.25 3.18
CA MET D 114 -50.31 0.38 4.49
C MET D 114 -49.94 1.83 4.79
N VAL D 115 -49.45 2.57 3.78
CA VAL D 115 -48.93 3.92 3.98
C VAL D 115 -50.08 4.91 4.17
N LYS D 116 -51.24 4.64 3.55
CA LYS D 116 -52.43 5.44 3.75
C LYS D 116 -52.81 5.47 5.22
N LYS D 117 -52.69 4.31 5.90
CA LYS D 117 -53.03 4.18 7.30
C LYS D 117 -52.06 4.96 8.20
N LEU D 118 -50.81 5.09 7.77
CA LEU D 118 -49.77 5.74 8.57
C LEU D 118 -49.96 7.26 8.56
N VAL D 119 -50.55 7.81 7.49
CA VAL D 119 -50.64 9.25 7.26
C VAL D 119 -51.13 9.96 8.52
N PRO D 120 -52.36 9.68 9.02
CA PRO D 120 -52.86 10.33 10.24
C PRO D 120 -51.92 10.25 11.45
N ILE D 121 -51.13 9.17 11.54
CA ILE D 121 -50.28 8.93 12.71
C ILE D 121 -48.97 9.72 12.58
N THR D 122 -48.44 9.83 11.35
CA THR D 122 -47.29 10.69 11.09
C THR D 122 -47.66 12.14 11.45
N LYS D 123 -48.89 12.55 11.10
CA LYS D 123 -49.33 13.93 11.29
C LYS D 123 -49.54 14.24 12.77
N GLU D 124 -50.13 13.30 13.52
CA GLU D 124 -50.42 13.49 14.94
C GLU D 124 -49.16 13.27 15.78
N LYS D 125 -48.40 12.22 15.47
CA LYS D 125 -47.34 11.73 16.34
C LYS D 125 -45.93 12.04 15.81
N GLY D 126 -45.80 12.20 14.49
CA GLY D 126 -44.51 12.47 13.87
C GLY D 126 -43.74 11.21 13.48
N THR D 127 -44.45 10.07 13.44
CA THR D 127 -43.87 8.77 13.09
C THR D 127 -43.28 8.82 11.68
N ILE D 128 -42.04 8.35 11.52
CA ILE D 128 -41.29 8.44 10.27
C ILE D 128 -41.36 7.10 9.54
N LEU D 129 -41.63 7.13 8.21
CA LEU D 129 -41.71 5.95 7.36
C LEU D 129 -40.36 5.64 6.70
N GLU D 130 -39.88 4.40 6.85
CA GLU D 130 -38.82 3.81 6.03
C GLU D 130 -39.44 2.70 5.18
N LEU D 131 -39.49 2.92 3.84
CA LEU D 131 -40.02 1.94 2.90
C LEU D 131 -38.94 0.93 2.54
N ASN D 132 -39.21 -0.36 2.78
CA ASN D 132 -38.24 -1.43 2.53
C ASN D 132 -38.30 -1.85 1.07
N LEU D 133 -37.22 -1.58 0.32
CA LEU D 133 -37.12 -1.99 -1.08
C LEU D 133 -36.08 -3.09 -1.27
N SER D 134 -35.77 -3.85 -0.21
N SER D 134 -35.76 -3.79 -0.18
CA SER D 134 -34.61 -4.74 -0.24
CA SER D 134 -34.86 -4.93 -0.20
C SER D 134 -34.79 -5.97 0.66
C SER D 134 -35.66 -6.21 0.07
N ALA D 135 -36.02 -6.49 0.75
N ALA D 135 -35.64 -6.68 1.33
CA ALA D 135 -36.33 -7.69 1.51
CA ALA D 135 -36.40 -7.85 1.73
C ALA D 135 -35.89 -8.95 0.75
C ALA D 135 -35.98 -9.06 0.89
N PRO D 136 -34.77 -9.62 1.12
CA PRO D 136 -34.23 -10.70 0.30
C PRO D 136 -34.58 -12.14 0.69
N ASN D 137 -35.49 -12.36 1.65
CA ASN D 137 -35.71 -13.70 2.20
C ASN D 137 -37.16 -14.15 2.05
N VAL D 138 -37.89 -13.56 1.09
CA VAL D 138 -39.26 -13.94 0.80
C VAL D 138 -39.25 -14.82 -0.45
N PRO D 139 -39.50 -16.14 -0.33
CA PRO D 139 -39.56 -17.01 -1.50
C PRO D 139 -40.47 -16.48 -2.61
N GLY D 140 -39.89 -16.31 -3.81
CA GLY D 140 -40.63 -15.93 -5.00
C GLY D 140 -40.82 -14.42 -5.17
N LYS D 141 -40.12 -13.63 -4.35
CA LYS D 141 -40.22 -12.17 -4.39
C LYS D 141 -38.82 -11.55 -4.49
N PRO D 142 -38.35 -11.24 -5.72
CA PRO D 142 -37.07 -10.55 -5.90
C PRO D 142 -37.01 -9.21 -5.16
N GLN D 143 -35.79 -8.74 -4.90
CA GLN D 143 -35.60 -7.46 -4.22
C GLN D 143 -35.95 -6.34 -5.20
N VAL D 144 -36.92 -5.51 -4.81
CA VAL D 144 -37.46 -4.44 -5.65
C VAL D 144 -36.32 -3.52 -6.12
N GLY D 145 -35.36 -3.26 -5.23
CA GLY D 145 -34.27 -2.32 -5.47
C GLY D 145 -33.31 -2.74 -6.58
N TYR D 146 -33.37 -4.00 -7.03
CA TYR D 146 -32.53 -4.48 -8.12
C TYR D 146 -33.29 -4.40 -9.45
N ASP D 147 -34.53 -3.91 -9.42
CA ASP D 147 -35.31 -3.64 -10.62
C ASP D 147 -35.75 -2.19 -10.60
N PHE D 148 -35.12 -1.35 -11.44
CA PHE D 148 -35.28 0.09 -11.35
C PHE D 148 -36.65 0.52 -11.89
N ASP D 149 -37.26 -0.28 -12.78
CA ASP D 149 -38.61 0.00 -13.24
C ASP D 149 -39.63 -0.25 -12.12
N THR D 150 -39.47 -1.37 -11.41
CA THR D 150 -40.33 -1.72 -10.28
C THR D 150 -40.12 -0.70 -9.16
N THR D 151 -38.86 -0.37 -8.86
CA THR D 151 -38.52 0.64 -7.86
C THR D 151 -39.24 1.96 -8.17
N ARG D 152 -39.22 2.37 -9.45
CA ARG D 152 -39.86 3.60 -9.88
C ARG D 152 -41.36 3.54 -9.61
N THR D 153 -42.01 2.40 -9.92
CA THR D 153 -43.44 2.24 -9.70
C THR D 153 -43.76 2.38 -8.22
N TYR D 154 -42.98 1.71 -7.36
CA TYR D 154 -43.19 1.76 -5.91
C TYR D 154 -43.13 3.20 -5.40
N LEU D 155 -42.11 3.95 -5.83
CA LEU D 155 -41.89 5.31 -5.35
C LEU D 155 -43.00 6.23 -5.82
N GLN D 156 -43.47 6.04 -7.07
CA GLN D 156 -44.60 6.80 -7.61
C GLN D 156 -45.84 6.60 -6.74
N LYS D 157 -46.22 5.34 -6.53
CA LYS D 157 -47.48 4.99 -5.86
C LYS D 157 -47.44 5.37 -4.38
N VAL D 158 -46.27 5.21 -3.73
CA VAL D 158 -46.14 5.51 -2.31
C VAL D 158 -46.09 7.02 -2.11
N SER D 159 -45.43 7.75 -3.03
CA SER D 159 -45.42 9.21 -3.00
C SER D 159 -46.85 9.76 -3.09
N GLU D 160 -47.62 9.25 -4.06
CA GLU D 160 -48.99 9.68 -4.29
C GLU D 160 -49.87 9.33 -3.08
N ALA D 161 -49.72 8.10 -2.55
CA ALA D 161 -50.57 7.59 -1.48
C ALA D 161 -50.23 8.21 -0.12
N TYR D 162 -48.92 8.36 0.17
CA TYR D 162 -48.48 8.79 1.50
C TYR D 162 -48.40 10.31 1.56
N GLY D 163 -47.83 10.93 0.51
CA GLY D 163 -47.84 12.37 0.33
C GLY D 163 -46.98 13.13 1.33
N LEU D 164 -46.12 12.43 2.08
CA LEU D 164 -45.27 13.06 3.09
C LEU D 164 -43.83 12.58 2.91
N PRO D 165 -42.82 13.28 3.48
CA PRO D 165 -41.44 12.81 3.46
C PRO D 165 -41.26 11.42 4.04
N PHE D 166 -40.52 10.56 3.33
CA PHE D 166 -40.23 9.19 3.76
C PHE D 166 -38.83 8.80 3.31
N GLY D 167 -38.35 7.65 3.81
CA GLY D 167 -37.06 7.11 3.43
C GLY D 167 -37.18 5.73 2.79
N VAL D 168 -36.06 5.23 2.24
CA VAL D 168 -36.02 3.94 1.58
C VAL D 168 -34.85 3.13 2.13
N LYS D 169 -35.11 1.83 2.38
CA LYS D 169 -34.07 0.86 2.69
C LYS D 169 -33.65 0.18 1.40
N MET D 170 -32.39 0.39 0.99
CA MET D 170 -31.90 -0.08 -0.30
C MET D 170 -31.08 -1.35 -0.14
N PRO D 171 -31.06 -2.23 -1.15
CA PRO D 171 -30.10 -3.34 -1.17
C PRO D 171 -28.72 -2.82 -1.51
N PRO D 172 -27.63 -3.54 -1.16
CA PRO D 172 -26.29 -3.13 -1.57
C PRO D 172 -26.08 -3.27 -3.08
N TYR D 173 -25.45 -2.26 -3.69
CA TYR D 173 -25.05 -2.32 -5.09
C TYR D 173 -23.53 -2.52 -5.15
N PHE D 174 -23.05 -3.13 -6.25
CA PHE D 174 -21.66 -3.57 -6.38
C PHE D 174 -21.04 -3.09 -7.69
N ASP D 175 -21.73 -2.17 -8.39
CA ASP D 175 -21.38 -1.75 -9.73
C ASP D 175 -21.66 -0.25 -9.84
N ILE D 176 -20.72 0.50 -10.43
CA ILE D 176 -20.83 1.96 -10.51
C ILE D 176 -22.08 2.34 -11.32
N ALA D 177 -22.36 1.62 -12.41
CA ALA D 177 -23.52 1.91 -13.25
C ALA D 177 -24.82 1.76 -12.44
N HIS D 178 -24.82 0.85 -11.45
CA HIS D 178 -25.99 0.59 -10.62
C HIS D 178 -26.20 1.70 -9.60
N PHE D 179 -25.11 2.26 -9.05
CA PHE D 179 -25.20 3.44 -8.20
C PHE D 179 -25.87 4.58 -8.98
N ASP D 180 -25.42 4.78 -10.22
CA ASP D 180 -25.94 5.83 -11.09
C ASP D 180 -27.42 5.59 -11.39
N MET D 181 -27.78 4.34 -11.71
CA MET D 181 -29.16 4.01 -12.07
C MET D 181 -30.08 4.17 -10.86
N ALA D 182 -29.64 3.71 -9.68
CA ALA D 182 -30.43 3.82 -8.46
C ALA D 182 -30.64 5.28 -8.09
N ALA D 183 -29.57 6.09 -8.20
CA ALA D 183 -29.63 7.50 -7.87
C ALA D 183 -30.56 8.25 -8.82
N ALA D 184 -30.55 7.88 -10.11
CA ALA D 184 -31.37 8.51 -11.12
C ALA D 184 -32.86 8.34 -10.80
N VAL D 185 -33.23 7.18 -10.24
CA VAL D 185 -34.62 6.93 -9.84
C VAL D 185 -34.91 7.73 -8.57
N LEU D 186 -34.06 7.59 -7.54
CA LEU D 186 -34.30 8.22 -6.25
C LEU D 186 -34.41 9.74 -6.40
N ASN D 187 -33.60 10.33 -7.30
CA ASN D 187 -33.53 11.78 -7.46
C ASN D 187 -34.76 12.33 -8.18
N ASP D 188 -35.62 11.45 -8.72
CA ASP D 188 -36.87 11.83 -9.37
C ASP D 188 -38.02 11.97 -8.37
N PHE D 189 -37.79 11.63 -7.08
CA PHE D 189 -38.84 11.65 -6.08
C PHE D 189 -38.44 12.56 -4.92
N PRO D 190 -38.94 13.82 -4.91
CA PRO D 190 -38.59 14.79 -3.86
C PRO D 190 -38.96 14.33 -2.45
N LEU D 191 -40.03 13.54 -2.33
CA LEU D 191 -40.55 13.12 -1.04
C LEU D 191 -39.61 12.11 -0.37
N VAL D 192 -38.72 11.46 -1.13
CA VAL D 192 -37.71 10.59 -0.56
C VAL D 192 -36.62 11.48 0.06
N LYS D 193 -36.58 11.55 1.40
CA LYS D 193 -35.71 12.46 2.12
C LYS D 193 -34.57 11.73 2.83
N PHE D 194 -34.60 10.40 2.90
CA PHE D 194 -33.45 9.66 3.40
C PHE D 194 -33.35 8.30 2.70
N ILE D 195 -32.12 7.79 2.66
CA ILE D 195 -31.74 6.53 2.03
C ILE D 195 -30.95 5.74 3.07
N THR D 196 -31.40 4.52 3.42
CA THR D 196 -30.67 3.67 4.33
C THR D 196 -29.86 2.65 3.53
N CYS D 197 -28.53 2.74 3.67
CA CYS D 197 -27.56 1.85 3.03
C CYS D 197 -26.80 1.11 4.12
N VAL D 198 -26.91 -0.23 4.24
CA VAL D 198 -27.54 -1.13 3.28
C VAL D 198 -28.30 -2.22 4.03
N ASN D 199 -29.15 -2.94 3.28
CA ASN D 199 -29.73 -4.19 3.73
CA ASN D 199 -29.73 -4.19 3.73
C ASN D 199 -28.65 -5.27 3.68
N SER D 200 -29.01 -6.49 4.11
CA SER D 200 -28.10 -7.64 4.08
C SER D 200 -27.51 -7.83 2.68
N ILE D 201 -26.30 -8.38 2.62
CA ILE D 201 -25.77 -8.91 1.37
C ILE D 201 -26.55 -10.19 1.07
N GLY D 202 -27.42 -10.13 0.04
CA GLY D 202 -28.44 -11.14 -0.19
C GLY D 202 -27.86 -12.49 -0.61
N ASN D 203 -28.51 -13.57 -0.14
CA ASN D 203 -28.41 -14.89 -0.73
C ASN D 203 -26.96 -15.40 -0.66
N GLY D 204 -26.37 -15.31 0.54
CA GLY D 204 -25.15 -16.02 0.87
C GLY D 204 -25.46 -17.44 1.32
N LEU D 205 -24.43 -18.29 1.43
CA LEU D 205 -24.60 -19.69 1.80
C LEU D 205 -23.49 -20.09 2.78
N VAL D 206 -23.90 -20.56 3.97
CA VAL D 206 -22.98 -21.07 4.98
C VAL D 206 -23.22 -22.57 5.12
N ILE D 207 -22.12 -23.34 5.17
CA ILE D 207 -22.16 -24.79 5.31
C ILE D 207 -21.27 -25.19 6.49
N ASP D 208 -21.79 -26.08 7.35
CA ASP D 208 -21.03 -26.66 8.44
C ASP D 208 -20.19 -27.83 7.89
N PRO D 209 -18.84 -27.80 7.98
CA PRO D 209 -18.02 -28.87 7.43
C PRO D 209 -18.17 -30.20 8.16
N ALA D 210 -18.53 -30.14 9.45
CA ALA D 210 -18.64 -31.32 10.29
C ALA D 210 -19.77 -32.24 9.82
N ASN D 211 -20.94 -31.69 9.47
CA ASN D 211 -22.10 -32.49 9.10
C ASN D 211 -22.50 -32.28 7.63
N GLU D 212 -21.75 -31.45 6.89
CA GLU D 212 -21.94 -31.24 5.46
C GLU D 212 -23.34 -30.69 5.15
N THR D 213 -23.92 -29.96 6.11
CA THR D 213 -25.28 -29.43 5.99
C THR D 213 -25.23 -27.91 6.15
N VAL D 214 -26.16 -27.22 5.46
CA VAL D 214 -26.37 -25.78 5.60
C VAL D 214 -26.82 -25.49 7.04
N VAL D 215 -26.75 -24.22 7.46
CA VAL D 215 -26.95 -23.86 8.85
C VAL D 215 -28.34 -23.24 9.08
N ILE D 216 -29.07 -22.92 8.00
CA ILE D 216 -30.45 -22.48 8.11
C ILE D 216 -31.34 -23.29 7.16
N LYS D 217 -32.63 -23.38 7.49
CA LYS D 217 -33.58 -24.26 6.81
C LYS D 217 -34.12 -23.64 5.53
N PRO D 218 -34.62 -22.37 5.52
CA PRO D 218 -35.28 -21.83 4.34
C PRO D 218 -34.38 -21.71 3.11
N LYS D 219 -34.99 -21.77 1.92
CA LYS D 219 -34.35 -21.48 0.64
C LYS D 219 -33.04 -22.22 0.48
N GLN D 220 -33.00 -23.49 0.88
CA GLN D 220 -31.85 -24.38 0.68
C GLN D 220 -30.60 -23.82 1.37
N GLY D 221 -30.78 -23.03 2.42
CA GLY D 221 -29.66 -22.52 3.22
C GLY D 221 -29.21 -21.13 2.80
N PHE D 222 -29.85 -20.54 1.78
CA PHE D 222 -29.49 -19.23 1.27
C PHE D 222 -30.12 -18.14 2.15
N GLY D 223 -29.29 -17.19 2.61
CA GLY D 223 -29.76 -16.13 3.50
C GLY D 223 -28.92 -14.86 3.40
N GLY D 224 -29.46 -13.76 3.95
CA GLY D 224 -28.80 -12.47 3.97
C GLY D 224 -27.64 -12.45 4.98
N LEU D 225 -26.51 -11.89 4.56
CA LEU D 225 -25.32 -11.75 5.40
C LEU D 225 -25.34 -10.38 6.08
N GLY D 226 -25.01 -10.35 7.37
CA GLY D 226 -24.80 -9.13 8.12
C GLY D 226 -23.52 -9.22 8.96
N GLY D 227 -23.15 -8.10 9.59
CA GLY D 227 -22.00 -8.06 10.48
C GLY D 227 -20.73 -7.64 9.75
N LYS D 228 -19.60 -8.25 10.13
CA LYS D 228 -18.28 -7.81 9.68
C LYS D 228 -18.11 -8.05 8.18
N TYR D 229 -18.94 -8.94 7.61
CA TYR D 229 -18.90 -9.23 6.18
C TYR D 229 -19.22 -7.99 5.34
N VAL D 230 -20.04 -7.07 5.87
CA VAL D 230 -20.72 -6.09 5.04
C VAL D 230 -20.16 -4.68 5.23
N LEU D 231 -19.14 -4.47 6.08
CA LEU D 231 -18.70 -3.13 6.42
C LEU D 231 -18.24 -2.37 5.17
N PRO D 232 -17.25 -2.88 4.39
CA PRO D 232 -16.80 -2.15 3.20
C PRO D 232 -17.90 -1.88 2.18
N THR D 233 -18.82 -2.84 2.00
CA THR D 233 -19.95 -2.66 1.11
C THR D 233 -20.85 -1.53 1.61
N ALA D 234 -21.12 -1.50 2.92
CA ALA D 234 -22.01 -0.50 3.49
C ALA D 234 -21.40 0.89 3.37
N LEU D 235 -20.11 1.04 3.69
CA LEU D 235 -19.42 2.32 3.59
C LEU D 235 -19.46 2.83 2.15
N ALA D 236 -19.21 1.93 1.19
CA ALA D 236 -19.22 2.27 -0.23
C ALA D 236 -20.59 2.82 -0.65
N ASN D 237 -21.66 2.12 -0.26
CA ASN D 237 -23.01 2.51 -0.63
C ASN D 237 -23.36 3.85 0.03
N VAL D 238 -23.07 3.99 1.33
CA VAL D 238 -23.26 5.23 2.06
C VAL D 238 -22.64 6.40 1.28
N ASN D 239 -21.35 6.28 0.94
CA ASN D 239 -20.60 7.36 0.33
C ASN D 239 -21.13 7.66 -1.09
N ALA D 240 -21.45 6.59 -1.84
CA ALA D 240 -21.90 6.75 -3.23
C ALA D 240 -23.21 7.53 -3.30
N PHE D 241 -24.16 7.22 -2.40
CA PHE D 241 -25.45 7.90 -2.37
C PHE D 241 -25.33 9.27 -1.70
N PHE D 242 -24.44 9.40 -0.72
CA PHE D 242 -24.18 10.69 -0.08
C PHE D 242 -23.84 11.72 -1.15
N ARG D 243 -22.93 11.35 -2.06
CA ARG D 243 -22.44 12.24 -3.11
C ARG D 243 -23.50 12.46 -4.20
N ARG D 244 -24.28 11.42 -4.53
CA ARG D 244 -25.18 11.46 -5.67
C ARG D 244 -26.54 12.08 -5.34
N CYS D 245 -26.93 12.06 -4.05
CA CYS D 245 -28.26 12.48 -3.64
C CYS D 245 -28.14 13.56 -2.55
N PRO D 246 -27.63 14.76 -2.86
CA PRO D 246 -27.35 15.78 -1.84
C PRO D 246 -28.58 16.34 -1.13
N ASP D 247 -29.78 16.17 -1.73
CA ASP D 247 -31.01 16.65 -1.12
C ASP D 247 -31.62 15.57 -0.22
N LYS D 248 -30.91 14.44 -0.06
CA LYS D 248 -31.36 13.35 0.78
C LYS D 248 -30.31 13.08 1.86
N LEU D 249 -30.76 12.71 3.06
CA LEU D 249 -29.90 12.20 4.10
C LEU D 249 -29.62 10.73 3.81
N VAL D 250 -28.44 10.24 4.25
CA VAL D 250 -28.09 8.83 4.14
C VAL D 250 -27.94 8.28 5.56
N PHE D 251 -28.59 7.14 5.82
CA PHE D 251 -28.43 6.40 7.06
C PHE D 251 -27.51 5.22 6.80
N GLY D 252 -26.47 5.07 7.64
CA GLY D 252 -25.53 3.97 7.52
C GLY D 252 -26.03 2.73 8.26
N CYS D 253 -25.93 1.57 7.60
CA CYS D 253 -26.29 0.29 8.20
C CYS D 253 -25.39 -0.80 7.63
N GLY D 254 -24.57 -1.42 8.50
CA GLY D 254 -23.77 -2.59 8.14
C GLY D 254 -22.41 -2.59 8.84
N GLY D 255 -22.17 -3.63 9.65
CA GLY D 255 -20.85 -3.93 10.17
C GLY D 255 -20.45 -3.09 11.38
N VAL D 256 -21.42 -2.44 12.04
CA VAL D 256 -21.12 -1.60 13.20
C VAL D 256 -21.05 -2.48 14.46
N TYR D 257 -19.84 -2.59 15.04
CA TYR D 257 -19.60 -3.29 16.30
C TYR D 257 -19.00 -2.37 17.36
N SER D 258 -18.57 -1.16 16.96
CA SER D 258 -17.79 -0.28 17.81
C SER D 258 -17.95 1.17 17.35
N GLY D 259 -17.51 2.11 18.19
CA GLY D 259 -17.51 3.52 17.85
C GLY D 259 -16.70 3.81 16.58
N GLU D 260 -15.65 3.02 16.35
CA GLU D 260 -14.79 3.17 15.20
C GLU D 260 -15.58 3.00 13.91
N GLU D 261 -16.40 1.96 13.80
CA GLU D 261 -17.19 1.72 12.61
C GLU D 261 -18.27 2.80 12.45
N ALA D 262 -18.85 3.25 13.57
CA ALA D 262 -19.83 4.32 13.57
C ALA D 262 -19.19 5.60 13.03
N PHE D 263 -17.94 5.86 13.46
CA PHE D 263 -17.17 7.01 13.03
C PHE D 263 -16.95 6.96 11.52
N LEU D 264 -16.57 5.77 11.02
CA LEU D 264 -16.31 5.58 9.59
C LEU D 264 -17.59 5.81 8.78
N HIS D 265 -18.74 5.33 9.28
CA HIS D 265 -20.02 5.52 8.62
C HIS D 265 -20.34 7.02 8.49
N ILE D 266 -20.17 7.76 9.59
CA ILE D 266 -20.49 9.18 9.63
C ILE D 266 -19.51 9.94 8.74
N LEU D 267 -18.23 9.54 8.75
CA LEU D 267 -17.20 10.10 7.89
C LEU D 267 -17.58 9.92 6.42
N ALA D 268 -18.21 8.78 6.08
CA ALA D 268 -18.60 8.48 4.71
C ALA D 268 -19.86 9.26 4.29
N GLY D 269 -20.63 9.75 5.27
CA GLY D 269 -21.76 10.63 4.99
C GLY D 269 -23.03 10.32 5.79
N ALA D 270 -22.98 9.33 6.69
CA ALA D 270 -24.16 8.89 7.42
C ALA D 270 -24.63 9.95 8.42
N SER D 271 -25.93 10.24 8.41
CA SER D 271 -26.58 11.05 9.44
C SER D 271 -26.84 10.21 10.68
N MET D 272 -27.55 9.08 10.47
CA MET D 272 -27.84 8.11 11.52
C MET D 272 -27.11 6.80 11.22
N VAL D 273 -26.85 6.01 12.27
CA VAL D 273 -26.10 4.77 12.19
C VAL D 273 -26.92 3.65 12.83
N GLN D 274 -27.32 2.65 12.01
CA GLN D 274 -28.14 1.53 12.47
C GLN D 274 -27.25 0.35 12.81
N VAL D 275 -27.68 -0.46 13.80
CA VAL D 275 -26.90 -1.58 14.31
C VAL D 275 -27.79 -2.83 14.29
N GLY D 276 -27.34 -3.86 13.57
CA GLY D 276 -28.10 -5.08 13.37
C GLY D 276 -27.49 -6.27 14.11
N THR D 277 -26.61 -7.01 13.41
CA THR D 277 -26.04 -8.25 13.91
C THR D 277 -25.44 -8.05 15.31
N ALA D 278 -24.64 -6.98 15.49
CA ALA D 278 -23.94 -6.74 16.74
C ALA D 278 -24.94 -6.50 17.89
N LEU D 279 -26.10 -5.91 17.57
CA LEU D 279 -27.18 -5.71 18.53
C LEU D 279 -27.83 -7.05 18.87
N HIS D 280 -28.08 -7.86 17.84
CA HIS D 280 -28.65 -9.20 17.98
C HIS D 280 -27.79 -10.02 18.94
N ASP D 281 -26.46 -9.85 18.83
CA ASP D 281 -25.48 -10.58 19.62
C ASP D 281 -25.42 -10.03 21.05
N GLU D 282 -25.22 -8.71 21.19
CA GLU D 282 -24.82 -8.09 22.45
C GLU D 282 -26.03 -7.64 23.27
N GLY D 283 -27.13 -7.28 22.58
CA GLY D 283 -28.32 -6.75 23.24
C GLY D 283 -28.26 -5.23 23.37
N PRO D 284 -29.32 -4.58 23.92
CA PRO D 284 -29.45 -3.13 23.85
C PRO D 284 -28.41 -2.32 24.62
N ILE D 285 -27.64 -2.98 25.50
CA ILE D 285 -26.54 -2.33 26.21
C ILE D 285 -25.52 -1.77 25.22
N ILE D 286 -25.45 -2.33 24.00
CA ILE D 286 -24.45 -1.93 23.00
C ILE D 286 -24.50 -0.42 22.76
N PHE D 287 -25.70 0.18 22.83
CA PHE D 287 -25.88 1.59 22.49
C PHE D 287 -25.13 2.47 23.50
N ALA D 288 -25.08 2.05 24.77
CA ALA D 288 -24.32 2.74 25.80
C ALA D 288 -22.83 2.71 25.47
N ARG D 289 -22.36 1.53 25.00
CA ARG D 289 -20.97 1.34 24.63
C ARG D 289 -20.63 2.20 23.40
N LEU D 290 -21.52 2.21 22.39
CA LEU D 290 -21.28 2.94 21.16
C LEU D 290 -21.22 4.45 21.41
N ASN D 291 -22.13 4.98 22.26
CA ASN D 291 -22.12 6.39 22.61
C ASN D 291 -20.77 6.78 23.21
N LYS D 292 -20.27 5.95 24.13
CA LYS D 292 -19.03 6.19 24.84
C LYS D 292 -17.84 6.12 23.88
N GLU D 293 -17.83 5.10 23.01
CA GLU D 293 -16.69 4.84 22.14
C GLU D 293 -16.57 5.92 21.06
N LEU D 294 -17.71 6.39 20.54
CA LEU D 294 -17.72 7.45 19.53
C LEU D 294 -17.22 8.75 20.15
N GLN D 295 -17.66 9.04 21.39
CA GLN D 295 -17.27 10.25 22.11
C GLN D 295 -15.76 10.25 22.38
N GLU D 296 -15.19 9.07 22.68
CA GLU D 296 -13.76 8.94 22.95
C GLU D 296 -12.94 9.25 21.70
N ILE D 297 -13.40 8.76 20.54
CA ILE D 297 -12.71 8.98 19.27
C ILE D 297 -12.76 10.47 18.93
N MET D 298 -13.94 11.08 19.09
CA MET D 298 -14.13 12.50 18.83
C MET D 298 -13.22 13.36 19.70
N THR D 299 -13.08 12.97 20.99
CA THR D 299 -12.22 13.68 21.92
C THR D 299 -10.75 13.60 21.46
N ASN D 300 -10.31 12.41 21.03
CA ASN D 300 -8.95 12.20 20.56
C ASN D 300 -8.63 13.11 19.36
N LYS D 301 -9.64 13.38 18.52
CA LYS D 301 -9.45 14.11 17.26
C LYS D 301 -9.85 15.57 17.39
N GLY D 302 -10.35 15.98 18.56
CA GLY D 302 -10.75 17.37 18.81
C GLY D 302 -12.02 17.76 18.07
N TYR D 303 -12.94 16.81 17.86
CA TYR D 303 -14.26 17.09 17.33
C TYR D 303 -15.25 17.27 18.49
N LYS D 304 -16.14 18.26 18.36
CA LYS D 304 -17.10 18.62 19.39
C LYS D 304 -18.53 18.25 18.96
N THR D 305 -18.77 18.15 17.64
CA THR D 305 -20.06 17.76 17.09
C THR D 305 -19.82 16.82 15.91
N LEU D 306 -20.89 16.15 15.44
CA LEU D 306 -20.81 15.21 14.32
C LEU D 306 -20.67 15.99 13.01
N ASP D 307 -21.24 17.20 12.96
CA ASP D 307 -21.20 18.09 11.82
C ASP D 307 -19.75 18.39 11.40
N GLU D 308 -18.81 18.27 12.35
CA GLU D 308 -17.41 18.60 12.11
C GLU D 308 -16.74 17.64 11.15
N PHE D 309 -17.22 16.38 11.07
CA PHE D 309 -16.52 15.38 10.27
C PHE D 309 -17.48 14.53 9.41
N ARG D 310 -18.80 14.76 9.49
CA ARG D 310 -19.74 14.00 8.68
C ARG D 310 -19.48 14.28 7.20
N GLY D 311 -19.24 13.21 6.42
CA GLY D 311 -19.08 13.31 4.98
C GLY D 311 -17.72 13.86 4.56
N ARG D 312 -16.77 13.97 5.51
CA ARG D 312 -15.49 14.59 5.24
C ARG D 312 -14.40 13.54 5.02
N VAL D 313 -14.78 12.32 4.59
CA VAL D 313 -13.82 11.30 4.19
C VAL D 313 -12.91 11.88 3.11
N LYS D 314 -11.60 11.62 3.24
CA LYS D 314 -10.60 12.16 2.33
C LYS D 314 -10.24 11.14 1.26
N THR D 315 -10.05 11.63 0.03
CA THR D 315 -9.60 10.80 -1.09
C THR D 315 -8.18 11.24 -1.46
N MET D 316 -7.48 10.41 -2.23
CA MET D 316 -6.08 10.68 -2.52
C MET D 316 -5.97 11.45 -3.84
N ASP D 317 -5.08 12.47 -3.86
CA ASP D 317 -4.86 13.28 -5.06
C ASP D 317 -4.06 12.45 -6.09
#